data_5NEV
#
_entry.id   5NEV
#
_cell.length_a   73.527
_cell.length_b   132.053
_cell.length_c   149.220
_cell.angle_alpha   90.00
_cell.angle_beta   90.00
_cell.angle_gamma   90.00
#
_symmetry.space_group_name_H-M   'P 21 21 21'
#
loop_
_entity.id
_entity.type
_entity.pdbx_description
1 polymer 'Cyclin-dependent kinase 2'
2 polymer Cyclin-A2
3 non-polymer 4-[[6-(3-phenylphenyl)-7~{H}-purin-2-yl]amino]benzenesulfonamide
4 water water
#
loop_
_entity_poly.entity_id
_entity_poly.type
_entity_poly.pdbx_seq_one_letter_code
_entity_poly.pdbx_strand_id
1 'polypeptide(L)'
;GPLGSMENFQKVEKIGEGTYGVVYKARNKLTGEVVALKKIRLDTETEGVPSTAIREISLLKELNHPNIVKLLDVIHTENK
LYLVFEFLHQDLKKFMDASALTGIPLPLIKSYLFQLLQGLAFCHSHRVLHRDLKPQNLLINTEGAIKLADFGLARAFGVP
VRTY(TPO)HEVVTLWYRAPEILLGCKYYSTAVDIWSLGCIFAEMVTRRALFPGDSEIDQLFRIFRTLGTPDEVVWPGVT
SMPDYKPSFPKWARQDFSKVVPPLDEDGRSLLSQMLHYDPNKRISAKAALAHPFFQDVTKPVPHLRL
;
A,C
2 'polypeptide(L)'
;MEVPDYHEDIHTYLREMEVKCKPKVGYMKKQPDITNSMRAILVDWLVEVGEEYKLQNETLHLAVNYIDRFLSSMSVLRGK
LQLVGTAAMLLASKFEEIYPPEVAEFVYITDDTYTKKQVLRMEHLVLKVLTFDLAAPTVNQFLTQYFLHQQPANCKVESL
AMFLGELSLIDADPYLKYLPSVIAGAAFHLALYTVTGQSWPESLIRKTGYTLESLKPCLMDLHQTYLKAPQHAQQSIREK
YKNSKYHGVSLLNPPETLNL
;
B,D
#
loop_
_chem_comp.id
_chem_comp.type
_chem_comp.name
_chem_comp.formula
72L non-polymer 4-[[6-(3-phenylphenyl)-7~{H}-purin-2-yl]amino]benzenesulfonamide 'C23 H18 N6 O2 S'
#
# COMPACT_ATOMS: atom_id res chain seq x y z
N SER A 5 8.53 -2.43 -19.60
CA SER A 5 7.30 -1.73 -19.11
C SER A 5 6.10 -2.13 -19.96
N MET A 6 6.24 -1.87 -21.26
CA MET A 6 5.30 -2.38 -22.26
C MET A 6 5.73 -3.71 -22.85
N GLU A 7 6.96 -4.19 -22.56
CA GLU A 7 7.35 -5.56 -22.95
C GLU A 7 6.16 -6.57 -22.85
N ASN A 8 5.40 -6.42 -21.77
CA ASN A 8 4.23 -7.26 -21.46
C ASN A 8 3.01 -7.21 -22.40
N PHE A 9 2.73 -6.05 -23.01
CA PHE A 9 1.48 -5.86 -23.72
C PHE A 9 1.66 -5.89 -25.21
N GLN A 10 0.75 -6.55 -25.91
CA GLN A 10 0.70 -6.59 -27.38
C GLN A 10 -0.51 -5.80 -27.87
N LYS A 11 -0.32 -4.72 -28.61
CA LYS A 11 -1.44 -3.96 -29.16
C LYS A 11 -2.21 -4.76 -30.20
N VAL A 12 -3.53 -4.74 -30.08
CA VAL A 12 -4.43 -5.42 -31.02
C VAL A 12 -4.91 -4.47 -32.13
N GLU A 13 -5.43 -3.31 -31.75
CA GLU A 13 -6.02 -2.35 -32.68
C GLU A 13 -6.32 -1.08 -31.92
N LYS A 14 -6.48 0.05 -32.60
CA LYS A 14 -6.95 1.28 -31.95
C LYS A 14 -8.41 1.07 -31.70
N ILE A 15 -8.97 1.77 -30.74
CA ILE A 15 -10.40 1.65 -30.38
C ILE A 15 -11.18 2.94 -30.51
N GLY A 16 -10.48 4.07 -30.63
CA GLY A 16 -11.12 5.34 -30.32
C GLY A 16 -10.21 6.43 -29.78
N GLU A 17 -10.74 7.65 -29.73
CA GLU A 17 -10.05 8.79 -29.12
C GLU A 17 -11.01 9.28 -28.06
N GLY A 18 -10.49 9.44 -26.85
CA GLY A 18 -11.27 9.92 -25.70
C GLY A 18 -10.94 11.38 -25.40
N THR A 19 -11.00 11.74 -24.11
CA THR A 19 -10.71 13.12 -23.70
C THR A 19 -9.19 13.50 -23.62
N TYR A 20 -8.22 12.57 -23.74
CA TYR A 20 -6.79 12.98 -23.90
C TYR A 20 -5.92 12.02 -24.69
N GLY A 21 -6.38 11.70 -25.87
CA GLY A 21 -5.53 10.95 -26.78
C GLY A 21 -6.04 9.56 -26.84
N VAL A 22 -5.21 8.70 -27.41
CA VAL A 22 -5.69 7.49 -28.03
C VAL A 22 -5.81 6.32 -27.05
N VAL A 23 -6.88 5.53 -27.22
CA VAL A 23 -7.12 4.29 -26.48
C VAL A 23 -7.03 3.08 -27.45
N TYR A 24 -6.29 2.05 -27.09
CA TYR A 24 -6.09 0.86 -27.91
C TYR A 24 -6.56 -0.38 -27.17
N LYS A 25 -6.84 -1.46 -27.88
CA LYS A 25 -7.11 -2.74 -27.26
C LYS A 25 -5.75 -3.36 -27.16
N ALA A 26 -5.56 -4.23 -26.18
CA ALA A 26 -4.28 -4.94 -26.03
C ALA A 26 -4.43 -6.20 -25.23
N ARG A 27 -3.45 -7.10 -25.35
CA ARG A 27 -3.42 -8.34 -24.60
C ARG A 27 -2.26 -8.32 -23.68
N ASN A 28 -2.47 -8.67 -22.42
CA ASN A 28 -1.36 -8.97 -21.55
C ASN A 28 -0.85 -10.30 -22.07
N LYS A 29 0.36 -10.31 -22.64
CA LYS A 29 0.93 -11.53 -23.24
C LYS A 29 1.04 -12.70 -22.25
N LEU A 30 1.26 -12.38 -20.98
CA LEU A 30 1.46 -13.38 -19.92
C LEU A 30 0.23 -13.88 -19.19
N THR A 31 -0.66 -13.00 -18.74
CA THR A 31 -1.92 -13.44 -18.10
C THR A 31 -3.03 -13.73 -19.12
N GLY A 32 -2.93 -13.10 -20.31
CA GLY A 32 -3.93 -13.24 -21.37
C GLY A 32 -5.06 -12.23 -21.28
N GLU A 33 -5.01 -11.41 -20.25
CA GLU A 33 -6.04 -10.39 -20.00
C GLU A 33 -6.09 -9.47 -21.17
N VAL A 34 -7.29 -9.07 -21.55
CA VAL A 34 -7.46 -8.07 -22.59
C VAL A 34 -7.66 -6.76 -21.89
N VAL A 35 -6.99 -5.72 -22.34
CA VAL A 35 -7.06 -4.43 -21.70
C VAL A 35 -7.16 -3.33 -22.69
N ALA A 36 -7.54 -2.17 -22.20
CA ALA A 36 -7.59 -0.95 -22.95
C ALA A 36 -6.46 -0.09 -22.49
N LEU A 37 -5.62 0.32 -23.42
CA LEU A 37 -4.36 0.92 -23.14
C LEU A 37 -4.50 2.34 -23.64
N LYS A 38 -4.60 3.34 -22.77
CA LYS A 38 -4.78 4.74 -23.18
C LYS A 38 -3.41 5.43 -23.19
N LYS A 39 -2.97 5.94 -24.35
CA LYS A 39 -1.60 6.50 -24.52
C LYS A 39 -1.67 8.02 -24.42
N ILE A 40 -0.89 8.60 -23.48
CA ILE A 40 -0.70 10.06 -23.38
C ILE A 40 0.70 10.35 -23.86
N ARG A 41 0.83 11.42 -24.64
CA ARG A 41 2.14 11.86 -25.16
C ARG A 41 2.71 13.09 -24.41
N LEU A 42 3.95 12.90 -23.92
CA LEU A 42 4.61 13.86 -23.04
C LEU A 42 5.90 14.37 -23.70
N ASP A 43 6.26 15.56 -23.28
CA ASP A 43 7.23 16.41 -24.00
C ASP A 43 7.67 17.37 -22.83
N THR A 44 9.00 17.55 -22.69
CA THR A 44 9.60 18.70 -21.92
C THR A 44 9.18 20.10 -22.50
N GLU A 45 7.88 20.25 -22.65
CA GLU A 45 7.20 21.44 -23.17
C GLU A 45 5.71 21.37 -22.87
N THR A 46 5.08 20.20 -23.12
CA THR A 46 3.62 20.08 -23.23
C THR A 46 2.88 20.62 -21.96
N GLU A 47 3.57 21.47 -21.17
CA GLU A 47 3.34 21.61 -19.73
C GLU A 47 3.38 20.27 -18.97
N GLY A 48 4.34 19.41 -19.36
CA GLY A 48 4.45 18.08 -18.77
C GLY A 48 3.10 17.42 -18.81
N VAL A 49 2.69 16.86 -17.68
CA VAL A 49 1.59 15.90 -17.66
C VAL A 49 0.25 16.62 -17.66
N PRO A 50 -0.68 16.27 -18.56
CA PRO A 50 -1.94 17.03 -18.68
C PRO A 50 -2.76 17.15 -17.43
N SER A 51 -3.38 18.28 -17.18
CA SER A 51 -4.29 18.40 -16.06
C SER A 51 -5.36 17.32 -16.08
N THR A 52 -5.86 16.97 -17.25
CA THR A 52 -6.95 15.96 -17.37
C THR A 52 -6.51 14.58 -16.94
N ALA A 53 -5.27 14.21 -17.22
CA ALA A 53 -4.70 12.93 -16.85
C ALA A 53 -4.42 12.85 -15.36
N ILE A 54 -3.93 13.95 -14.80
CA ILE A 54 -3.72 14.05 -13.37
C ILE A 54 -5.02 13.82 -12.59
N ARG A 55 -6.11 14.40 -13.03
CA ARG A 55 -7.35 14.19 -12.31
C ARG A 55 -7.90 12.81 -12.58
N GLU A 56 -7.75 12.29 -13.77
CA GLU A 56 -8.33 10.98 -14.06
C GLU A 56 -7.63 9.91 -13.26
N ILE A 57 -6.29 9.90 -13.28
CA ILE A 57 -5.52 8.86 -12.65
C ILE A 57 -5.76 8.95 -11.16
N SER A 58 -5.69 10.15 -10.59
CA SER A 58 -5.82 10.30 -9.12
C SER A 58 -7.22 9.99 -8.66
N LEU A 59 -8.23 10.45 -9.35
CA LEU A 59 -9.57 10.16 -8.89
C LEU A 59 -9.93 8.70 -9.08
N LEU A 60 -9.32 8.01 -9.99
CA LEU A 60 -9.80 6.72 -10.41
C LEU A 60 -9.04 5.62 -9.70
N LYS A 61 -7.91 5.98 -9.11
CA LYS A 61 -7.25 5.17 -8.09
C LYS A 61 -8.18 5.06 -6.87
N GLU A 62 -8.89 6.12 -6.55
CA GLU A 62 -9.87 6.04 -5.49
C GLU A 62 -11.15 5.35 -5.82
N LEU A 63 -11.54 5.14 -7.05
CA LEU A 63 -12.90 4.63 -7.30
C LEU A 63 -12.89 3.20 -7.75
N ASN A 64 -12.80 2.22 -6.84
CA ASN A 64 -13.02 0.85 -7.25
C ASN A 64 -14.46 0.52 -7.05
N HIS A 65 -15.22 0.34 -8.14
CA HIS A 65 -16.63 -0.07 -8.03
C HIS A 65 -17.00 -0.88 -9.24
N PRO A 66 -17.85 -1.89 -9.08
CA PRO A 66 -18.13 -2.75 -10.21
C PRO A 66 -18.78 -2.15 -11.48
N ASN A 67 -19.24 -0.91 -11.39
CA ASN A 67 -19.85 -0.10 -12.45
C ASN A 67 -19.08 1.18 -12.78
N ILE A 68 -17.79 1.15 -12.50
CA ILE A 68 -16.87 2.18 -12.88
C ILE A 68 -15.66 1.51 -13.48
N VAL A 69 -15.24 1.91 -14.66
CA VAL A 69 -14.17 1.21 -15.31
C VAL A 69 -12.93 1.29 -14.47
N LYS A 70 -12.42 0.13 -14.14
CA LYS A 70 -11.32 -0.04 -13.27
C LYS A 70 -9.98 0.31 -13.92
N LEU A 71 -9.18 1.15 -13.26
CA LEU A 71 -7.82 1.50 -13.68
C LEU A 71 -6.82 0.51 -13.12
N LEU A 72 -6.21 -0.31 -13.94
CA LEU A 72 -5.37 -1.40 -13.48
C LEU A 72 -3.95 -1.00 -13.21
N ASP A 73 -3.42 0.01 -13.88
CA ASP A 73 -1.94 0.28 -13.84
C ASP A 73 -1.62 1.57 -14.58
N VAL A 74 -0.51 2.19 -14.25
CA VAL A 74 -0.14 3.46 -14.84
C VAL A 74 1.33 3.35 -15.11
N ILE A 75 1.71 3.35 -16.37
CA ILE A 75 3.07 3.12 -16.74
C ILE A 75 3.72 4.41 -17.23
N HIS A 76 4.60 4.95 -16.39
CA HIS A 76 5.52 6.03 -16.80
C HIS A 76 6.64 5.40 -17.58
N THR A 77 6.80 5.84 -18.81
CA THR A 77 8.06 5.61 -19.51
C THR A 77 8.61 7.04 -19.63
N GLU A 78 9.52 7.24 -20.61
CA GLU A 78 10.39 8.42 -20.67
C GLU A 78 9.65 9.64 -21.22
N ASN A 79 8.89 9.40 -22.29
CA ASN A 79 8.05 10.44 -22.99
C ASN A 79 6.58 10.02 -23.19
N LYS A 80 6.23 8.83 -22.70
CA LYS A 80 4.92 8.29 -22.88
C LYS A 80 4.41 7.96 -21.48
N LEU A 81 3.13 8.19 -21.27
CA LEU A 81 2.45 7.69 -20.10
C LEU A 81 1.31 6.80 -20.59
N TYR A 82 1.26 5.53 -20.14
CA TYR A 82 0.16 4.61 -20.49
C TYR A 82 -0.70 4.25 -19.33
N LEU A 83 -2.00 4.38 -19.47
CA LEU A 83 -2.92 3.99 -18.44
C LEU A 83 -3.50 2.69 -18.89
N VAL A 84 -3.34 1.65 -18.11
CA VAL A 84 -3.93 0.36 -18.41
C VAL A 84 -5.28 0.26 -17.74
N PHE A 85 -6.33 -0.01 -18.49
CA PHE A 85 -7.72 -0.07 -17.99
C PHE A 85 -8.30 -1.44 -18.25
N GLU A 86 -9.34 -1.81 -17.56
CA GLU A 86 -10.10 -2.99 -17.97
C GLU A 86 -10.77 -2.75 -19.30
N PHE A 87 -10.92 -3.77 -20.10
CA PHE A 87 -11.47 -3.60 -21.42
C PHE A 87 -12.94 -3.96 -21.45
N LEU A 88 -13.80 -3.10 -21.96
CA LEU A 88 -15.16 -3.54 -22.23
C LEU A 88 -15.44 -3.62 -23.71
N HIS A 89 -16.42 -4.43 -24.08
CA HIS A 89 -16.58 -4.90 -25.45
C HIS A 89 -17.08 -3.82 -26.38
N GLN A 90 -17.97 -2.96 -25.85
CA GLN A 90 -18.79 -2.07 -26.63
C GLN A 90 -19.26 -0.90 -25.81
N ASP A 91 -19.74 0.16 -26.42
CA ASP A 91 -20.37 1.22 -25.66
C ASP A 91 -21.85 1.31 -26.01
N LEU A 92 -22.53 2.13 -25.23
CA LEU A 92 -23.96 2.24 -25.26
C LEU A 92 -24.43 3.00 -26.48
N LYS A 93 -23.57 3.86 -27.01
CA LYS A 93 -23.88 4.54 -28.27
C LYS A 93 -24.00 3.49 -29.39
N LYS A 94 -22.92 2.76 -29.66
CA LYS A 94 -22.92 1.67 -30.62
C LYS A 94 -24.04 0.66 -30.45
N PHE A 95 -24.30 0.28 -29.20
CA PHE A 95 -25.36 -0.67 -28.86
C PHE A 95 -26.80 -0.17 -29.20
N MET A 96 -27.11 1.09 -28.87
CA MET A 96 -28.37 1.71 -29.30
C MET A 96 -28.54 1.84 -30.83
N ASP A 97 -27.45 2.04 -31.56
CA ASP A 97 -27.50 2.05 -33.02
C ASP A 97 -27.72 0.64 -33.56
N ALA A 98 -27.05 -0.34 -32.98
CA ALA A 98 -27.27 -1.74 -33.35
C ALA A 98 -28.64 -2.29 -32.87
N SER A 99 -29.26 -1.69 -31.85
CA SER A 99 -30.57 -2.19 -31.30
C SER A 99 -31.76 -1.35 -31.78
N ALA A 100 -31.60 -0.69 -32.94
CA ALA A 100 -32.60 0.29 -33.36
C ALA A 100 -33.90 -0.39 -33.90
N LEU A 101 -33.76 -1.48 -34.66
CA LEU A 101 -34.95 -2.08 -35.27
C LEU A 101 -35.92 -2.72 -34.30
N THR A 102 -35.41 -3.21 -33.16
CA THR A 102 -36.29 -3.88 -32.18
C THR A 102 -36.33 -3.23 -30.79
N GLY A 103 -35.59 -2.13 -30.57
CA GLY A 103 -35.62 -1.46 -29.28
C GLY A 103 -34.94 -2.23 -28.17
N ILE A 104 -34.52 -1.52 -27.13
CA ILE A 104 -33.86 -2.16 -26.02
C ILE A 104 -34.97 -2.61 -25.08
N PRO A 105 -34.95 -3.89 -24.66
CA PRO A 105 -36.00 -4.40 -23.76
C PRO A 105 -36.03 -3.67 -22.44
N LEU A 106 -37.21 -3.50 -21.87
CA LEU A 106 -37.37 -2.67 -20.67
C LEU A 106 -36.58 -3.24 -19.48
N PRO A 107 -36.56 -4.58 -19.29
CA PRO A 107 -35.72 -5.08 -18.26
C PRO A 107 -34.26 -4.64 -18.42
N LEU A 108 -33.73 -4.62 -19.64
CA LEU A 108 -32.33 -4.27 -19.83
C LEU A 108 -32.08 -2.78 -19.54
N ILE A 109 -32.98 -1.93 -20.02
CA ILE A 109 -32.87 -0.51 -19.76
C ILE A 109 -32.90 -0.26 -18.28
N LYS A 110 -33.72 -1.01 -17.56
CA LYS A 110 -33.86 -0.85 -16.11
C LYS A 110 -32.60 -1.34 -15.38
N SER A 111 -32.09 -2.51 -15.79
CA SER A 111 -30.81 -3.06 -15.31
C SER A 111 -29.74 -2.00 -15.48
N TYR A 112 -29.66 -1.41 -16.67
CA TYR A 112 -28.57 -0.51 -16.97
C TYR A 112 -28.68 0.78 -16.20
N LEU A 113 -29.89 1.34 -16.05
CA LEU A 113 -30.07 2.59 -15.30
C LEU A 113 -29.66 2.37 -13.84
N PHE A 114 -30.14 1.27 -13.28
CA PHE A 114 -29.85 0.89 -11.90
C PHE A 114 -28.34 0.82 -11.69
N GLN A 115 -27.62 0.08 -12.52
CA GLN A 115 -26.19 -0.02 -12.37
C GLN A 115 -25.44 1.33 -12.54
N LEU A 116 -25.83 2.15 -13.51
CA LEU A 116 -25.24 3.46 -13.67
C LEU A 116 -25.51 4.32 -12.46
N LEU A 117 -26.75 4.38 -11.98
CA LEU A 117 -27.04 5.09 -10.73
C LEU A 117 -26.18 4.63 -9.54
N GLN A 118 -25.88 3.33 -9.48
CA GLN A 118 -25.01 2.78 -8.49
C GLN A 118 -23.61 3.31 -8.59
N GLY A 119 -23.09 3.36 -9.80
CA GLY A 119 -21.77 3.95 -10.11
C GLY A 119 -21.72 5.44 -9.83
N LEU A 120 -22.79 6.13 -10.12
CA LEU A 120 -22.83 7.53 -9.84
C LEU A 120 -22.93 7.89 -8.38
N ALA A 121 -23.75 7.13 -7.67
CA ALA A 121 -23.92 7.40 -6.28
C ALA A 121 -22.58 7.21 -5.62
N PHE A 122 -21.79 6.25 -6.12
CA PHE A 122 -20.51 5.90 -5.54
C PHE A 122 -19.57 7.03 -5.72
N CYS A 123 -19.40 7.47 -6.97
CA CYS A 123 -18.61 8.67 -7.34
C CYS A 123 -18.95 9.84 -6.49
N HIS A 124 -20.23 10.15 -6.41
CA HIS A 124 -20.70 11.32 -5.71
C HIS A 124 -20.38 11.26 -4.19
N SER A 125 -20.52 10.08 -3.61
CA SER A 125 -20.22 9.90 -2.20
C SER A 125 -18.76 9.83 -1.89
N HIS A 126 -17.93 9.84 -2.93
CA HIS A 126 -16.49 10.07 -2.80
C HIS A 126 -16.02 11.37 -3.34
N ARG A 127 -16.90 12.37 -3.26
CA ARG A 127 -16.67 13.73 -3.76
C ARG A 127 -16.14 13.90 -5.20
N VAL A 128 -16.70 13.14 -6.13
CA VAL A 128 -16.28 13.20 -7.51
C VAL A 128 -17.52 13.37 -8.41
N LEU A 129 -17.53 14.43 -9.22
CA LEU A 129 -18.45 14.48 -10.35
C LEU A 129 -17.75 14.16 -11.66
N HIS A 130 -18.46 13.45 -12.52
CA HIS A 130 -17.97 12.95 -13.76
C HIS A 130 -17.91 14.03 -14.84
N ARG A 131 -19.00 14.81 -14.95
CA ARG A 131 -19.14 15.92 -15.85
C ARG A 131 -19.06 15.58 -17.31
N ASP A 132 -19.25 14.32 -17.68
CA ASP A 132 -19.29 13.96 -19.10
C ASP A 132 -20.03 12.65 -19.34
N LEU A 133 -21.17 12.46 -18.68
CA LEU A 133 -21.92 11.28 -18.96
C LEU A 133 -22.56 11.39 -20.32
N LYS A 134 -22.30 10.42 -21.16
CA LYS A 134 -22.93 10.31 -22.41
C LYS A 134 -22.76 8.87 -22.88
N PRO A 135 -23.54 8.39 -23.84
CA PRO A 135 -23.41 7.00 -24.26
C PRO A 135 -22.06 6.58 -24.77
N GLN A 136 -21.31 7.47 -25.37
CA GLN A 136 -19.96 7.11 -25.79
C GLN A 136 -19.10 6.65 -24.62
N ASN A 137 -19.30 7.21 -23.42
CA ASN A 137 -18.55 6.79 -22.21
C ASN A 137 -19.24 5.77 -21.23
N LEU A 138 -20.26 5.07 -21.64
CA LEU A 138 -20.84 4.06 -20.80
C LEU A 138 -20.58 2.76 -21.52
N LEU A 139 -19.75 1.88 -20.95
CA LEU A 139 -19.34 0.69 -21.68
C LEU A 139 -20.13 -0.49 -21.22
N ILE A 140 -20.42 -1.42 -22.11
CA ILE A 140 -21.11 -2.63 -21.73
C ILE A 140 -20.32 -3.85 -22.10
N ASN A 141 -20.59 -4.97 -21.42
CA ASN A 141 -19.99 -6.27 -21.73
C ASN A 141 -21.10 -7.21 -22.02
N THR A 142 -20.72 -8.41 -22.47
CA THR A 142 -21.71 -9.44 -22.89
C THR A 142 -22.59 -9.97 -21.72
N GLU A 143 -22.02 -9.95 -20.50
CA GLU A 143 -22.68 -10.39 -19.27
C GLU A 143 -23.85 -9.51 -18.75
N GLY A 144 -24.03 -8.30 -19.23
CA GLY A 144 -25.18 -7.45 -18.82
C GLY A 144 -24.86 -6.36 -17.85
N ALA A 145 -23.55 -6.15 -17.63
CA ALA A 145 -22.99 -5.01 -16.90
C ALA A 145 -22.87 -3.78 -17.74
N ILE A 146 -22.79 -2.64 -17.08
CA ILE A 146 -22.49 -1.38 -17.74
C ILE A 146 -21.68 -0.54 -16.78
N LYS A 147 -20.71 0.23 -17.28
CA LYS A 147 -19.78 0.95 -16.41
C LYS A 147 -19.46 2.36 -16.87
N LEU A 148 -19.12 3.26 -15.95
CA LEU A 148 -18.82 4.66 -16.29
C LEU A 148 -17.43 4.77 -16.75
N ALA A 149 -17.09 5.63 -17.72
CA ALA A 149 -15.82 5.47 -18.35
C ALA A 149 -14.88 6.59 -18.70
N ASP A 150 -15.23 7.83 -18.62
CA ASP A 150 -14.09 8.70 -18.93
C ASP A 150 -13.92 9.73 -17.89
N PHE A 151 -13.12 9.38 -16.92
CA PHE A 151 -13.06 10.26 -15.73
C PHE A 151 -12.08 11.42 -15.93
N GLY A 152 -11.66 11.65 -17.17
CA GLY A 152 -10.81 12.77 -17.51
C GLY A 152 -11.42 14.16 -17.47
N LEU A 153 -12.73 14.28 -17.40
CA LEU A 153 -13.27 15.59 -17.17
C LEU A 153 -13.82 15.74 -15.80
N ALA A 154 -13.64 14.72 -14.97
CA ALA A 154 -14.05 14.78 -13.59
C ALA A 154 -13.20 15.70 -12.75
N ARG A 155 -13.78 16.04 -11.60
CA ARG A 155 -13.11 16.84 -10.64
C ARG A 155 -13.63 16.49 -9.24
N ALA A 156 -12.76 16.66 -8.25
CA ALA A 156 -13.11 16.51 -6.87
C ALA A 156 -13.81 17.77 -6.38
N PHE A 157 -14.98 17.61 -5.79
CA PHE A 157 -15.66 18.75 -5.22
C PHE A 157 -15.56 18.88 -3.71
N GLY A 158 -15.89 20.06 -3.23
CA GLY A 158 -15.88 20.39 -1.83
C GLY A 158 -17.29 20.53 -1.38
N VAL A 159 -17.45 20.73 -0.09
CA VAL A 159 -18.76 20.82 0.55
C VAL A 159 -18.68 22.04 1.41
N PRO A 160 -19.34 23.17 1.06
CA PRO A 160 -20.04 23.37 -0.20
C PRO A 160 -19.08 23.52 -1.35
N VAL A 161 -19.68 23.60 -2.55
CA VAL A 161 -18.91 23.77 -3.79
C VAL A 161 -18.36 25.18 -3.99
N ARG A 162 -17.29 25.20 -4.77
CA ARG A 162 -16.82 26.36 -5.41
C ARG A 162 -17.37 26.49 -6.86
N THR A 163 -17.09 27.66 -7.42
CA THR A 163 -17.22 27.86 -8.84
C THR A 163 -16.19 26.97 -9.51
N TYR A 164 -16.66 26.02 -10.31
CA TYR A 164 -15.81 25.23 -11.16
C TYR A 164 -15.91 25.64 -12.63
N TPO A 165 -15.07 25.01 -13.46
CA TPO A 165 -15.04 25.15 -14.92
CB TPO A 165 -14.23 23.96 -15.43
CG2 TPO A 165 -13.96 23.95 -16.91
OG1 TPO A 165 -12.93 24.05 -14.82
P TPO A 165 -12.43 22.69 -14.22
O1P TPO A 165 -13.28 22.51 -13.07
O2P TPO A 165 -10.97 22.93 -14.02
O3P TPO A 165 -12.70 21.54 -15.10
C TPO A 165 -16.40 25.17 -15.54
O TPO A 165 -17.25 24.37 -15.13
N HIS A 166 -16.57 26.05 -16.54
CA HIS A 166 -17.86 26.46 -17.02
C HIS A 166 -18.49 25.65 -18.18
N GLU A 167 -17.97 25.71 -19.39
CA GLU A 167 -18.70 25.00 -20.51
C GLU A 167 -18.30 23.59 -20.16
N VAL A 168 -19.25 22.75 -19.70
CA VAL A 168 -18.77 21.52 -19.11
C VAL A 168 -19.38 20.18 -19.46
N VAL A 169 -20.68 20.00 -19.67
CA VAL A 169 -21.01 18.64 -20.21
C VAL A 169 -21.14 18.71 -21.72
N THR A 170 -21.04 17.63 -22.47
CA THR A 170 -21.37 17.75 -23.91
C THR A 170 -22.81 18.19 -24.04
N LEU A 171 -23.06 19.04 -25.04
CA LEU A 171 -24.26 19.89 -25.05
C LEU A 171 -25.55 19.15 -24.76
N TRP A 172 -25.73 18.04 -25.43
CA TRP A 172 -27.00 17.27 -25.42
C TRP A 172 -27.49 16.80 -24.09
N TYR A 173 -26.50 16.62 -23.18
CA TYR A 173 -26.60 16.01 -21.86
C TYR A 173 -26.26 17.06 -20.76
N ARG A 174 -26.23 18.33 -21.17
CA ARG A 174 -25.90 19.42 -20.29
C ARG A 174 -27.13 19.93 -19.59
N ALA A 175 -26.98 20.10 -18.28
CA ALA A 175 -28.06 20.48 -17.36
C ALA A 175 -28.28 21.97 -17.44
N PRO A 176 -29.53 22.42 -17.12
CA PRO A 176 -29.91 23.81 -17.34
C PRO A 176 -29.17 24.79 -16.48
N GLU A 177 -28.73 24.40 -15.30
CA GLU A 177 -27.97 25.29 -14.43
C GLU A 177 -26.57 25.60 -14.95
N ILE A 178 -26.07 24.84 -15.92
CA ILE A 178 -24.82 25.16 -16.61
C ILE A 178 -25.09 26.11 -17.76
N LEU A 179 -26.13 25.80 -18.51
CA LEU A 179 -26.53 26.60 -19.66
C LEU A 179 -26.93 28.00 -19.24
N LEU A 180 -27.65 28.11 -18.12
CA LEU A 180 -27.95 29.43 -17.55
C LEU A 180 -26.77 30.12 -16.83
N GLY A 181 -25.59 29.49 -16.77
CA GLY A 181 -24.38 30.16 -16.33
C GLY A 181 -24.28 30.46 -14.85
N CYS A 182 -25.06 29.77 -14.02
CA CYS A 182 -24.76 29.71 -12.60
C CYS A 182 -23.28 29.60 -12.19
N LYS A 183 -23.02 30.12 -10.97
CA LYS A 183 -21.78 29.89 -10.16
C LYS A 183 -21.46 28.44 -9.82
N TYR A 184 -22.49 27.84 -9.21
CA TYR A 184 -22.38 26.58 -8.55
C TYR A 184 -23.19 25.55 -9.31
N TYR A 185 -22.51 24.50 -9.71
CA TYR A 185 -23.15 23.23 -9.97
C TYR A 185 -22.47 22.18 -9.10
N SER A 186 -23.18 21.08 -8.90
CA SER A 186 -22.71 19.99 -8.08
C SER A 186 -23.14 18.67 -8.73
N THR A 187 -23.38 17.66 -7.89
CA THR A 187 -23.80 16.34 -8.28
C THR A 187 -24.98 16.36 -9.23
N ALA A 188 -25.87 17.35 -9.11
CA ALA A 188 -27.10 17.36 -9.91
C ALA A 188 -26.86 17.40 -11.42
N VAL A 189 -25.72 17.89 -11.89
CA VAL A 189 -25.41 17.87 -13.27
C VAL A 189 -25.24 16.47 -13.81
N ASP A 190 -24.70 15.54 -13.09
CA ASP A 190 -24.56 14.19 -13.60
C ASP A 190 -25.90 13.49 -13.64
N ILE A 191 -26.77 13.72 -12.66
CA ILE A 191 -28.11 13.13 -12.67
C ILE A 191 -28.92 13.58 -13.87
N TRP A 192 -28.78 14.85 -14.22
CA TRP A 192 -29.45 15.35 -15.39
C TRP A 192 -28.99 14.58 -16.63
N SER A 193 -27.68 14.42 -16.83
CA SER A 193 -27.14 13.61 -17.90
C SER A 193 -27.77 12.25 -17.91
N LEU A 194 -27.86 11.63 -16.77
CA LEU A 194 -28.28 10.26 -16.69
C LEU A 194 -29.75 10.10 -17.01
N GLY A 195 -30.57 11.06 -16.56
CA GLY A 195 -31.97 11.21 -17.01
C GLY A 195 -32.15 11.36 -18.55
N CYS A 196 -31.25 12.09 -19.19
CA CYS A 196 -31.32 12.24 -20.63
C CYS A 196 -31.05 10.95 -21.36
N ILE A 197 -30.08 10.21 -20.84
CA ILE A 197 -29.64 8.93 -21.39
C ILE A 197 -30.72 7.91 -21.12
N PHE A 198 -31.36 7.95 -19.96
CA PHE A 198 -32.48 7.08 -19.64
C PHE A 198 -33.58 7.26 -20.63
N ALA A 199 -33.89 8.51 -20.98
CA ALA A 199 -34.88 8.82 -22.07
C ALA A 199 -34.48 8.24 -23.38
N GLU A 200 -33.21 8.40 -23.71
CA GLU A 200 -32.64 7.95 -24.98
C GLU A 200 -32.65 6.42 -25.20
N MET A 201 -32.39 5.66 -24.17
CA MET A 201 -32.53 4.20 -24.27
C MET A 201 -33.97 3.77 -24.59
N VAL A 202 -34.95 4.52 -24.09
CA VAL A 202 -36.39 4.17 -24.15
C VAL A 202 -36.91 4.43 -25.53
N THR A 203 -36.65 5.65 -26.04
CA THR A 203 -37.02 6.14 -27.35
C THR A 203 -36.02 5.93 -28.46
N ARG A 204 -34.81 5.50 -28.16
CA ARG A 204 -33.76 5.35 -29.20
C ARG A 204 -33.26 6.65 -29.88
N ARG A 205 -33.63 7.84 -29.42
CA ARG A 205 -33.06 9.06 -29.92
C ARG A 205 -32.90 10.09 -28.84
N ALA A 206 -31.98 11.01 -29.07
CA ALA A 206 -31.61 11.94 -28.04
C ALA A 206 -32.77 12.85 -27.69
N LEU A 207 -32.89 13.15 -26.42
CA LEU A 207 -34.00 13.89 -25.89
C LEU A 207 -33.89 15.38 -26.24
N PHE A 208 -32.73 16.00 -26.02
CA PHE A 208 -32.55 17.44 -26.30
C PHE A 208 -31.33 17.73 -27.19
N PRO A 209 -31.36 17.33 -28.46
CA PRO A 209 -30.20 17.36 -29.31
C PRO A 209 -29.88 18.75 -29.97
N GLY A 210 -29.61 19.76 -29.16
CA GLY A 210 -29.27 21.10 -29.67
C GLY A 210 -27.92 21.12 -30.35
N ASP A 211 -27.71 22.20 -31.11
CA ASP A 211 -26.38 22.56 -31.66
C ASP A 211 -25.90 23.95 -31.21
N SER A 212 -26.51 24.48 -30.15
CA SER A 212 -25.92 25.62 -29.42
C SER A 212 -26.51 25.67 -28.03
N GLU A 213 -25.95 26.53 -27.18
CA GLU A 213 -26.44 26.69 -25.81
C GLU A 213 -27.87 27.19 -25.84
N ILE A 214 -28.19 28.18 -26.68
CA ILE A 214 -29.52 28.70 -26.67
C ILE A 214 -30.51 27.69 -27.26
N ASP A 215 -30.18 27.10 -28.39
CA ASP A 215 -30.99 26.01 -28.99
C ASP A 215 -31.25 24.85 -27.95
N GLN A 216 -30.21 24.46 -27.24
CA GLN A 216 -30.31 23.37 -26.23
C GLN A 216 -31.28 23.66 -25.11
N LEU A 217 -31.23 24.90 -24.73
CA LEU A 217 -32.01 25.45 -23.67
C LEU A 217 -33.44 25.63 -24.14
N PHE A 218 -33.70 26.17 -25.33
CA PHE A 218 -35.06 26.21 -25.82
C PHE A 218 -35.65 24.80 -25.99
N ARG A 219 -34.88 23.85 -26.46
CA ARG A 219 -35.36 22.48 -26.58
C ARG A 219 -35.91 21.86 -25.28
N ILE A 220 -35.22 22.20 -24.18
CA ILE A 220 -35.55 21.80 -22.79
C ILE A 220 -36.78 22.52 -22.34
N PHE A 221 -36.85 23.81 -22.56
CA PHE A 221 -38.02 24.57 -22.28
C PHE A 221 -39.21 24.00 -23.01
N ARG A 222 -39.08 23.62 -24.26
CA ARG A 222 -40.26 23.12 -25.00
C ARG A 222 -40.82 21.82 -24.47
N THR A 223 -40.05 21.09 -23.67
CA THR A 223 -40.45 19.80 -23.12
C THR A 223 -40.73 19.80 -21.63
N LEU A 224 -39.96 20.52 -20.84
CA LEU A 224 -40.29 20.74 -19.45
C LEU A 224 -41.00 22.06 -19.19
N GLY A 225 -41.08 22.95 -20.16
CA GLY A 225 -41.72 24.27 -19.99
C GLY A 225 -40.71 25.28 -19.54
N THR A 226 -40.98 26.55 -19.75
CA THR A 226 -40.01 27.57 -19.39
C THR A 226 -40.07 27.80 -17.90
N PRO A 227 -38.94 27.63 -17.18
CA PRO A 227 -38.99 27.73 -15.73
C PRO A 227 -39.16 29.17 -15.30
N ASP A 228 -39.96 29.36 -14.28
CA ASP A 228 -40.23 30.70 -13.75
C ASP A 228 -39.90 30.62 -12.28
N GLU A 229 -40.17 31.67 -11.50
CA GLU A 229 -39.76 31.67 -10.10
C GLU A 229 -40.46 30.58 -9.22
N VAL A 230 -41.65 30.11 -9.62
CA VAL A 230 -42.35 29.02 -8.88
C VAL A 230 -41.64 27.66 -8.93
N VAL A 231 -41.33 27.15 -10.12
CA VAL A 231 -40.69 25.82 -10.23
C VAL A 231 -39.19 25.90 -9.93
N TRP A 232 -38.63 27.12 -10.01
CA TRP A 232 -37.18 27.30 -9.85
C TRP A 232 -36.85 28.68 -9.26
N PRO A 233 -36.88 28.77 -7.91
CA PRO A 233 -36.53 30.01 -7.23
C PRO A 233 -35.08 30.38 -7.47
N GLY A 234 -34.90 31.61 -7.92
CA GLY A 234 -33.58 32.09 -8.31
C GLY A 234 -33.50 32.29 -9.80
N VAL A 235 -34.31 31.55 -10.56
CA VAL A 235 -34.03 31.33 -11.98
C VAL A 235 -33.93 32.57 -12.84
N THR A 236 -34.81 33.53 -12.59
CA THR A 236 -34.93 34.70 -13.43
C THR A 236 -33.86 35.72 -13.12
N SER A 237 -33.03 35.50 -12.12
CA SER A 237 -31.83 36.34 -11.95
C SER A 237 -30.53 35.58 -12.08
N MET A 238 -30.52 34.51 -12.87
CA MET A 238 -29.28 33.78 -13.14
C MET A 238 -28.57 34.46 -14.30
N PRO A 239 -27.25 34.38 -14.35
CA PRO A 239 -26.48 35.22 -15.27
C PRO A 239 -26.88 35.24 -16.75
N ASP A 240 -27.21 34.08 -17.32
CA ASP A 240 -27.62 33.94 -18.74
C ASP A 240 -29.10 33.67 -18.92
N TYR A 241 -29.92 34.00 -17.94
CA TYR A 241 -31.37 34.14 -18.14
C TYR A 241 -31.64 35.43 -18.93
N LYS A 242 -32.66 35.39 -19.77
CA LYS A 242 -33.09 36.53 -20.53
C LYS A 242 -34.57 36.64 -20.29
N PRO A 243 -35.07 37.83 -19.93
CA PRO A 243 -36.51 37.95 -19.79
C PRO A 243 -37.26 37.77 -21.09
N SER A 244 -36.54 37.88 -22.19
CA SER A 244 -37.05 37.68 -23.55
C SER A 244 -37.13 36.22 -23.97
N PHE A 245 -36.90 35.26 -23.08
CA PHE A 245 -37.14 33.85 -23.36
C PHE A 245 -38.62 33.59 -23.66
N PRO A 246 -38.93 32.69 -24.62
CA PRO A 246 -40.31 32.30 -24.79
C PRO A 246 -40.80 31.49 -23.62
N LYS A 247 -42.12 31.42 -23.47
CA LYS A 247 -42.79 30.70 -22.40
C LYS A 247 -43.54 29.58 -23.01
N TRP A 248 -42.96 28.39 -22.95
CA TRP A 248 -43.63 27.21 -23.40
C TRP A 248 -44.21 26.53 -22.21
N ALA A 249 -45.24 25.74 -22.45
CA ALA A 249 -45.94 24.97 -21.44
C ALA A 249 -45.27 23.69 -21.28
N ARG A 250 -45.21 23.25 -20.05
CA ARG A 250 -44.72 21.95 -19.70
C ARG A 250 -45.57 20.88 -20.34
N GLN A 251 -44.91 19.90 -20.95
CA GLN A 251 -45.58 18.74 -21.49
C GLN A 251 -45.62 17.62 -20.42
N ASP A 252 -46.80 16.98 -20.36
CA ASP A 252 -47.03 15.69 -19.68
C ASP A 252 -45.95 14.74 -20.12
N PHE A 253 -45.30 14.10 -19.17
CA PHE A 253 -44.30 13.08 -19.46
C PHE A 253 -44.73 11.78 -20.15
N SER A 254 -46.04 11.52 -20.26
CA SER A 254 -46.46 10.37 -21.04
C SER A 254 -46.16 10.63 -22.52
N LYS A 255 -46.17 11.89 -22.95
CA LYS A 255 -45.81 12.25 -24.32
C LYS A 255 -44.29 12.36 -24.53
N VAL A 256 -43.49 12.68 -23.53
CA VAL A 256 -42.01 12.75 -23.65
C VAL A 256 -41.34 11.39 -23.89
N VAL A 257 -41.88 10.35 -23.28
CA VAL A 257 -41.37 8.97 -23.36
C VAL A 257 -42.57 8.00 -23.34
N PRO A 258 -43.24 7.86 -24.48
CA PRO A 258 -44.39 7.01 -24.53
C PRO A 258 -44.25 5.53 -24.12
N PRO A 259 -43.10 4.88 -24.37
CA PRO A 259 -43.07 3.52 -23.88
C PRO A 259 -43.15 3.44 -22.37
N LEU A 260 -42.78 4.50 -21.66
CA LEU A 260 -42.54 4.44 -20.20
C LEU A 260 -43.78 4.29 -19.29
N ASP A 261 -43.67 3.40 -18.30
CA ASP A 261 -44.76 3.12 -17.34
C ASP A 261 -44.83 4.13 -16.23
N GLU A 262 -45.98 4.09 -15.56
CA GLU A 262 -46.39 5.03 -14.52
C GLU A 262 -45.17 5.49 -13.66
N ASP A 263 -44.35 4.51 -13.25
CA ASP A 263 -43.13 4.70 -12.43
C ASP A 263 -41.89 5.23 -13.13
N GLY A 264 -41.47 4.62 -14.23
CA GLY A 264 -40.38 5.19 -15.02
C GLY A 264 -40.59 6.69 -15.30
N ARG A 265 -41.82 7.11 -15.60
CA ARG A 265 -42.17 8.53 -15.81
C ARG A 265 -41.86 9.35 -14.57
N SER A 266 -42.20 8.81 -13.40
CA SER A 266 -41.94 9.49 -12.12
C SER A 266 -40.44 9.70 -11.94
N LEU A 267 -39.68 8.60 -12.08
CA LEU A 267 -38.26 8.65 -11.92
C LEU A 267 -37.70 9.68 -12.81
N LEU A 268 -38.03 9.57 -14.09
CA LEU A 268 -37.48 10.47 -15.11
C LEU A 268 -37.81 11.92 -14.82
N SER A 269 -39.02 12.21 -14.35
CA SER A 269 -39.36 13.58 -14.00
C SER A 269 -38.51 14.06 -12.81
N GLN A 270 -38.17 13.17 -11.86
CA GLN A 270 -37.38 13.63 -10.74
C GLN A 270 -35.94 13.86 -11.13
N MET A 271 -35.46 13.10 -12.12
CA MET A 271 -34.14 13.30 -12.64
C MET A 271 -34.04 14.64 -13.43
N LEU A 272 -35.09 15.00 -14.15
CA LEU A 272 -35.13 16.26 -14.87
C LEU A 272 -35.94 17.39 -14.12
N HIS A 273 -36.00 17.42 -12.77
CA HIS A 273 -36.49 18.62 -12.10
C HIS A 273 -35.57 19.75 -12.49
N TYR A 274 -36.12 20.93 -12.77
CA TYR A 274 -35.24 22.05 -13.06
C TYR A 274 -34.33 22.46 -11.88
N ASP A 275 -34.89 22.62 -10.69
CA ASP A 275 -34.09 23.08 -9.54
C ASP A 275 -33.07 22.00 -9.11
N PRO A 276 -31.78 22.33 -8.98
CA PRO A 276 -30.88 21.25 -8.62
C PRO A 276 -31.06 20.74 -7.16
N ASN A 277 -31.65 21.53 -6.24
CA ASN A 277 -31.84 21.04 -4.86
C ASN A 277 -32.95 20.05 -4.70
N LYS A 278 -33.96 20.08 -5.55
CA LYS A 278 -35.02 19.10 -5.49
C LYS A 278 -34.75 17.94 -6.45
N ARG A 279 -33.76 18.07 -7.31
CA ARG A 279 -33.55 17.06 -8.32
C ARG A 279 -33.01 15.85 -7.57
N ILE A 280 -33.54 14.68 -7.91
CA ILE A 280 -33.19 13.46 -7.24
C ILE A 280 -31.68 13.17 -7.31
N SER A 281 -31.20 12.57 -6.22
CA SER A 281 -29.81 12.23 -6.08
C SER A 281 -29.72 10.82 -6.57
N ALA A 282 -28.55 10.38 -7.02
CA ALA A 282 -28.39 8.97 -7.43
C ALA A 282 -28.70 8.00 -6.32
N LYS A 283 -28.22 8.32 -5.15
CA LYS A 283 -28.50 7.49 -4.00
C LYS A 283 -29.99 7.29 -3.77
N ALA A 284 -30.78 8.35 -3.77
CA ALA A 284 -32.25 8.22 -3.55
C ALA A 284 -33.01 7.43 -4.66
N ALA A 285 -32.56 7.62 -5.90
CA ALA A 285 -33.13 7.04 -7.07
C ALA A 285 -33.07 5.52 -7.03
N LEU A 286 -32.05 4.92 -6.40
CA LEU A 286 -31.96 3.45 -6.33
C LEU A 286 -33.12 2.82 -5.61
N ALA A 287 -33.74 3.61 -4.75
CA ALA A 287 -34.85 3.16 -3.97
C ALA A 287 -36.23 3.33 -4.61
N HIS A 288 -36.23 3.94 -5.79
CA HIS A 288 -37.46 4.35 -6.48
C HIS A 288 -38.30 3.13 -6.94
N PRO A 289 -39.64 3.19 -6.85
CA PRO A 289 -40.50 2.02 -7.20
C PRO A 289 -40.22 1.32 -8.51
N PHE A 290 -39.84 2.10 -9.53
CA PHE A 290 -39.48 1.62 -10.87
C PHE A 290 -38.58 0.40 -10.83
N PHE A 291 -37.65 0.40 -9.87
CA PHE A 291 -36.69 -0.66 -9.72
C PHE A 291 -37.16 -1.83 -8.79
N GLN A 292 -38.41 -1.88 -8.30
CA GLN A 292 -38.79 -2.96 -7.37
C GLN A 292 -38.59 -4.36 -7.96
N ASP A 293 -38.74 -4.49 -9.26
CA ASP A 293 -38.53 -5.78 -9.99
C ASP A 293 -37.25 -5.82 -10.89
N VAL A 294 -36.27 -4.98 -10.63
CA VAL A 294 -35.02 -5.01 -11.40
C VAL A 294 -34.29 -6.34 -11.32
N THR A 295 -33.62 -6.72 -12.37
CA THR A 295 -32.80 -7.92 -12.40
C THR A 295 -31.57 -7.57 -13.23
N LYS A 296 -30.93 -8.58 -13.82
CA LYS A 296 -29.74 -8.34 -14.59
C LYS A 296 -29.73 -9.23 -15.83
N PRO A 297 -30.52 -8.90 -16.87
CA PRO A 297 -30.50 -9.67 -18.11
C PRO A 297 -29.29 -9.32 -18.92
N VAL A 298 -29.04 -10.16 -19.93
CA VAL A 298 -27.93 -9.98 -20.85
C VAL A 298 -28.42 -9.38 -22.18
N PRO A 299 -27.60 -8.52 -22.79
CA PRO A 299 -27.80 -8.00 -24.16
C PRO A 299 -27.22 -8.90 -25.28
N HIS A 300 -27.20 -8.32 -26.49
CA HIS A 300 -26.46 -8.80 -27.71
C HIS A 300 -27.34 -9.91 -28.19
N VAL B 3 -25.14 19.85 -0.33
CA VAL B 3 -25.86 18.68 -0.90
C VAL B 3 -26.21 17.57 0.13
N PRO B 4 -26.89 17.93 1.30
CA PRO B 4 -26.99 17.08 2.60
C PRO B 4 -27.09 15.49 2.56
N ASP B 5 -27.61 15.02 1.40
CA ASP B 5 -27.45 13.64 0.85
C ASP B 5 -26.03 13.07 0.85
N TYR B 6 -25.02 13.89 0.51
CA TYR B 6 -23.62 13.44 0.54
C TYR B 6 -22.70 14.21 1.50
N HIS B 7 -23.20 15.14 2.32
CA HIS B 7 -22.40 15.79 3.40
C HIS B 7 -21.71 14.80 4.32
N GLU B 8 -22.47 13.79 4.75
CA GLU B 8 -22.06 12.82 5.75
C GLU B 8 -21.19 11.79 5.09
N ASP B 9 -21.60 11.21 3.98
CA ASP B 9 -20.76 10.27 3.24
C ASP B 9 -19.37 10.84 2.94
N ILE B 10 -19.30 12.11 2.59
CA ILE B 10 -18.05 12.79 2.21
C ILE B 10 -17.27 13.10 3.43
N HIS B 11 -17.90 13.62 4.46
CA HIS B 11 -17.19 13.81 5.73
C HIS B 11 -16.54 12.51 6.18
N THR B 12 -17.34 11.46 6.29
CA THR B 12 -16.88 10.13 6.58
C THR B 12 -15.73 9.65 5.72
N TYR B 13 -15.80 9.93 4.44
CA TYR B 13 -14.78 9.50 3.51
C TYR B 13 -13.52 10.34 3.63
N LEU B 14 -13.62 11.63 3.89
CA LEU B 14 -12.41 12.44 4.00
C LEU B 14 -11.72 12.18 5.30
N ARG B 15 -12.44 11.61 6.27
CA ARG B 15 -11.86 11.16 7.54
C ARG B 15 -11.11 9.83 7.40
N GLU B 16 -11.61 8.91 6.58
CA GLU B 16 -10.85 7.74 6.16
C GLU B 16 -9.59 8.15 5.45
N MET B 17 -9.70 9.14 4.57
CA MET B 17 -8.61 9.49 3.66
C MET B 17 -7.48 10.28 4.29
N GLU B 18 -7.76 11.10 5.30
CA GLU B 18 -6.72 11.92 5.88
C GLU B 18 -5.76 11.08 6.67
N VAL B 19 -6.27 10.01 7.24
CA VAL B 19 -5.46 9.00 7.88
C VAL B 19 -4.51 8.28 6.93
N LYS B 20 -4.81 8.18 5.64
CA LYS B 20 -3.89 7.53 4.66
C LYS B 20 -2.87 8.45 3.94
N CYS B 21 -3.18 9.71 3.76
CA CYS B 21 -2.20 10.68 3.25
C CYS B 21 -1.36 11.29 4.36
N LYS B 22 -1.18 10.58 5.47
CA LYS B 22 -0.57 11.20 6.63
C LYS B 22 0.93 11.12 6.39
N PRO B 23 1.63 12.26 6.46
CA PRO B 23 3.07 12.17 6.37
C PRO B 23 3.63 11.67 7.70
N LYS B 24 4.87 11.17 7.71
CA LYS B 24 5.46 10.68 8.91
C LYS B 24 5.85 11.89 9.70
N VAL B 25 5.40 11.92 10.94
CA VAL B 25 5.68 13.01 11.86
C VAL B 25 7.18 13.27 12.05
N GLY B 26 7.96 12.18 12.12
CA GLY B 26 9.40 12.29 12.38
C GLY B 26 10.24 12.84 11.26
N TYR B 27 9.65 13.04 10.07
CA TYR B 27 10.46 13.07 8.86
C TYR B 27 11.58 14.05 8.93
N MET B 28 11.31 15.20 9.53
CA MET B 28 12.25 16.27 9.57
C MET B 28 13.55 15.84 10.22
N LYS B 29 13.44 15.24 11.42
CA LYS B 29 14.58 14.59 12.10
C LYS B 29 15.50 13.64 11.24
N LYS B 30 14.89 12.87 10.34
CA LYS B 30 15.61 11.99 9.38
C LYS B 30 16.23 12.70 8.15
N GLN B 31 15.80 13.91 7.80
CA GLN B 31 16.43 14.63 6.69
C GLN B 31 17.85 15.07 7.07
N PRO B 32 18.89 14.68 6.30
CA PRO B 32 20.23 15.16 6.61
C PRO B 32 20.43 16.67 6.51
N ASP B 33 19.88 17.31 5.48
CA ASP B 33 20.25 18.71 5.17
C ASP B 33 19.22 19.78 5.53
N ILE B 34 17.92 19.49 5.58
CA ILE B 34 16.91 20.57 5.73
C ILE B 34 16.34 20.66 7.13
N THR B 35 15.57 21.71 7.44
CA THR B 35 15.11 21.98 8.84
C THR B 35 13.69 22.46 8.85
N ASN B 36 13.05 22.48 10.04
CA ASN B 36 11.70 23.05 10.15
C ASN B 36 11.61 24.51 9.64
N SER B 37 12.67 25.29 9.85
CA SER B 37 12.69 26.70 9.38
C SER B 37 13.19 26.90 7.95
N MET B 38 13.73 25.88 7.27
CA MET B 38 13.82 25.95 5.78
C MET B 38 12.45 25.69 5.21
N ARG B 39 11.74 24.73 5.79
CA ARG B 39 10.41 24.38 5.34
C ARG B 39 9.46 25.54 5.55
N ALA B 40 9.64 26.33 6.61
CA ALA B 40 8.82 27.49 6.84
C ALA B 40 9.07 28.50 5.72
N ILE B 41 10.31 28.83 5.43
CA ILE B 41 10.62 29.73 4.32
C ILE B 41 9.87 29.30 3.04
N LEU B 42 10.00 28.01 2.74
CA LEU B 42 9.37 27.38 1.56
C LEU B 42 7.85 27.49 1.60
N VAL B 43 7.23 27.23 2.74
CA VAL B 43 5.78 27.33 2.78
C VAL B 43 5.32 28.78 2.74
N ASP B 44 6.12 29.67 3.27
CA ASP B 44 5.77 31.06 3.20
C ASP B 44 5.96 31.53 1.81
N TRP B 45 6.91 30.99 1.09
CA TRP B 45 7.14 31.40 -0.29
C TRP B 45 6.04 30.94 -1.21
N LEU B 46 5.48 29.78 -0.94
CA LEU B 46 4.39 29.27 -1.76
C LEU B 46 3.17 30.14 -1.64
N VAL B 47 2.92 30.64 -0.43
CA VAL B 47 1.81 31.56 -0.18
C VAL B 47 1.95 32.78 -1.02
N GLU B 48 3.14 33.32 -1.08
CA GLU B 48 3.39 34.45 -1.94
C GLU B 48 3.18 34.10 -3.39
N VAL B 49 3.59 32.93 -3.83
CA VAL B 49 3.23 32.51 -5.21
C VAL B 49 1.70 32.46 -5.42
N GLY B 50 0.99 31.91 -4.45
CA GLY B 50 -0.47 31.83 -4.50
C GLY B 50 -1.15 33.14 -4.66
N GLU B 51 -0.54 34.18 -4.10
CA GLU B 51 -1.02 35.56 -4.26
C GLU B 51 -0.77 36.07 -5.66
N GLU B 52 0.49 35.99 -6.10
CA GLU B 52 0.94 36.48 -7.40
C GLU B 52 0.15 35.86 -8.53
N TYR B 53 -0.40 34.64 -8.40
CA TYR B 53 -1.23 34.08 -9.46
C TYR B 53 -2.70 33.83 -9.05
N LYS B 54 -3.16 34.52 -8.00
CA LYS B 54 -4.52 34.36 -7.42
C LYS B 54 -5.00 32.90 -7.40
N LEU B 55 -4.13 32.05 -6.89
CA LEU B 55 -4.41 30.64 -6.68
C LEU B 55 -5.33 30.51 -5.47
N GLN B 56 -6.08 29.40 -5.44
CA GLN B 56 -7.08 29.15 -4.46
C GLN B 56 -6.38 28.73 -3.16
N ASN B 57 -7.03 28.92 -2.02
CA ASN B 57 -6.41 28.45 -0.79
C ASN B 57 -6.19 27.00 -0.89
N GLU B 58 -7.15 26.24 -1.39
CA GLU B 58 -6.94 24.79 -1.56
C GLU B 58 -5.61 24.39 -2.23
N THR B 59 -5.19 25.14 -3.23
CA THR B 59 -4.03 24.80 -3.99
C THR B 59 -2.84 24.80 -3.07
N LEU B 60 -2.70 25.87 -2.31
CA LEU B 60 -1.65 26.03 -1.29
C LEU B 60 -1.61 24.84 -0.30
N HIS B 61 -2.78 24.47 0.23
CA HIS B 61 -2.92 23.42 1.21
C HIS B 61 -2.59 22.05 0.61
N LEU B 62 -2.93 21.81 -0.65
CA LEU B 62 -2.55 20.56 -1.28
C LEU B 62 -1.08 20.56 -1.55
N ALA B 63 -0.54 21.69 -2.00
CA ALA B 63 0.90 21.76 -2.28
C ALA B 63 1.74 21.38 -1.06
N VAL B 64 1.27 21.77 0.13
CA VAL B 64 1.97 21.49 1.36
C VAL B 64 1.77 20.02 1.68
N ASN B 65 0.58 19.48 1.46
CA ASN B 65 0.38 18.05 1.77
C ASN B 65 1.32 17.23 0.91
N TYR B 66 1.44 17.57 -0.39
CA TYR B 66 2.35 16.87 -1.29
C TYR B 66 3.82 16.98 -0.81
N ILE B 67 4.27 18.17 -0.38
CA ILE B 67 5.66 18.36 0.05
C ILE B 67 5.97 17.53 1.29
N ASP B 68 5.14 17.59 2.31
CA ASP B 68 5.32 16.73 3.51
C ASP B 68 5.31 15.22 3.26
N ARG B 69 4.50 14.72 2.34
CA ARG B 69 4.59 13.31 1.95
C ARG B 69 5.84 13.01 1.16
N PHE B 70 6.20 13.93 0.30
CA PHE B 70 7.39 13.76 -0.49
C PHE B 70 8.58 13.64 0.39
N LEU B 71 8.72 14.60 1.28
CA LEU B 71 9.85 14.60 2.17
C LEU B 71 9.73 13.52 3.23
N SER B 72 8.58 12.90 3.40
CA SER B 72 8.45 11.77 4.31
C SER B 72 9.28 10.57 3.92
N SER B 73 9.47 10.35 2.63
CA SER B 73 10.20 9.20 2.14
C SER B 73 11.43 9.56 1.31
N MET B 74 11.73 10.84 1.11
CA MET B 74 12.80 11.22 0.19
C MET B 74 13.64 12.33 0.76
N SER B 75 14.95 12.12 0.85
CA SER B 75 15.83 13.13 1.37
C SER B 75 16.01 14.11 0.30
N VAL B 76 16.05 15.39 0.65
CA VAL B 76 16.25 16.49 -0.30
C VAL B 76 17.26 17.48 0.27
N LEU B 77 18.25 17.86 -0.53
CA LEU B 77 19.20 18.93 -0.16
C LEU B 77 18.51 20.28 -0.19
N ARG B 78 19.05 21.26 0.55
CA ARG B 78 18.52 22.64 0.56
C ARG B 78 18.45 23.25 -0.84
N GLY B 79 19.48 22.99 -1.64
CA GLY B 79 19.49 23.39 -3.06
C GLY B 79 18.27 22.96 -3.89
N LYS B 80 17.61 21.86 -3.54
CA LYS B 80 16.48 21.40 -4.32
C LYS B 80 15.15 21.51 -3.62
N LEU B 81 15.15 21.94 -2.37
CA LEU B 81 13.90 22.03 -1.60
C LEU B 81 12.85 22.84 -2.35
N GLN B 82 13.28 23.92 -2.96
CA GLN B 82 12.38 24.77 -3.70
C GLN B 82 11.88 24.11 -5.00
N LEU B 83 12.72 23.34 -5.67
CA LEU B 83 12.31 22.57 -6.85
C LEU B 83 11.17 21.59 -6.48
N VAL B 84 11.34 20.90 -5.35
CA VAL B 84 10.27 20.08 -4.84
C VAL B 84 9.03 20.94 -4.64
N GLY B 85 9.14 22.04 -3.94
CA GLY B 85 7.98 22.91 -3.75
C GLY B 85 7.33 23.42 -5.05
N THR B 86 8.14 23.78 -6.04
CA THR B 86 7.62 24.30 -7.29
C THR B 86 6.80 23.24 -7.97
N ALA B 87 7.40 22.09 -8.22
CA ALA B 87 6.72 20.97 -8.87
C ALA B 87 5.42 20.54 -8.15
N ALA B 88 5.42 20.60 -6.82
CA ALA B 88 4.23 20.33 -6.00
C ALA B 88 3.10 21.31 -6.20
N MET B 89 3.46 22.60 -6.19
CA MET B 89 2.57 23.70 -6.51
C MET B 89 2.07 23.66 -7.95
N LEU B 90 2.87 23.21 -8.90
CA LEU B 90 2.36 23.00 -10.26
C LEU B 90 1.23 21.96 -10.28
N LEU B 91 1.52 20.78 -9.75
CA LEU B 91 0.58 19.68 -9.60
C LEU B 91 -0.65 20.05 -8.86
N ALA B 92 -0.51 20.68 -7.72
CA ALA B 92 -1.69 21.15 -7.00
C ALA B 92 -2.57 22.00 -7.88
N SER B 93 -1.95 22.95 -8.60
CA SER B 93 -2.69 23.83 -9.52
C SER B 93 -3.36 23.06 -10.61
N LYS B 94 -2.67 22.13 -11.23
CA LYS B 94 -3.28 21.31 -12.25
C LYS B 94 -4.45 20.53 -11.70
N PHE B 95 -4.27 19.94 -10.53
CA PHE B 95 -5.38 19.23 -9.88
C PHE B 95 -6.54 20.14 -9.55
N GLU B 96 -6.27 21.32 -8.99
CA GLU B 96 -7.33 22.10 -8.34
C GLU B 96 -7.90 23.32 -9.05
N GLU B 97 -7.09 24.00 -9.88
CA GLU B 97 -7.42 25.27 -10.47
C GLU B 97 -8.11 25.14 -11.79
N ILE B 98 -9.00 26.08 -12.09
CA ILE B 98 -9.62 26.17 -13.41
C ILE B 98 -8.57 26.55 -14.44
N TYR B 99 -7.86 27.65 -14.18
CA TYR B 99 -6.73 28.10 -15.02
C TYR B 99 -5.43 27.97 -14.23
N PRO B 100 -4.77 26.82 -14.39
CA PRO B 100 -3.49 26.68 -13.75
C PRO B 100 -2.48 27.53 -14.54
N PRO B 101 -1.53 28.14 -13.84
CA PRO B 101 -0.42 28.82 -14.49
C PRO B 101 0.43 27.91 -15.35
N GLU B 102 0.88 28.43 -16.47
CA GLU B 102 1.78 27.73 -17.36
C GLU B 102 3.05 27.33 -16.61
N VAL B 103 3.76 26.30 -17.07
CA VAL B 103 5.01 25.88 -16.44
C VAL B 103 6.01 27.02 -16.39
N ALA B 104 6.06 27.80 -17.47
CA ALA B 104 6.93 28.96 -17.58
C ALA B 104 6.78 29.93 -16.42
N GLU B 105 5.57 30.07 -15.88
CA GLU B 105 5.32 31.06 -14.81
C GLU B 105 5.93 30.66 -13.48
N PHE B 106 5.97 29.35 -13.22
CA PHE B 106 6.64 28.77 -12.06
C PHE B 106 8.16 28.82 -12.20
N VAL B 107 8.69 28.57 -13.39
CA VAL B 107 10.11 28.82 -13.66
C VAL B 107 10.45 30.29 -13.39
N TYR B 108 9.60 31.23 -13.80
CA TYR B 108 9.88 32.67 -13.62
C TYR B 108 9.91 33.03 -12.14
N ILE B 109 9.04 32.45 -11.30
CA ILE B 109 9.06 32.81 -9.87
C ILE B 109 10.12 32.07 -9.00
N THR B 110 10.91 31.13 -9.55
CA THR B 110 12.16 30.66 -8.87
C THR B 110 13.45 31.44 -9.24
N ASP B 111 13.31 32.57 -9.95
CA ASP B 111 14.44 33.40 -10.48
C ASP B 111 15.41 32.61 -11.39
N ASP B 112 14.85 31.67 -12.16
CA ASP B 112 15.61 30.82 -13.05
C ASP B 112 16.81 30.12 -12.35
N THR B 113 16.63 29.83 -11.05
CA THR B 113 17.58 28.97 -10.34
C THR B 113 17.28 27.52 -10.79
N TYR B 114 16.13 27.28 -11.45
CA TYR B 114 15.84 25.99 -12.06
C TYR B 114 15.35 26.11 -13.48
N THR B 115 15.72 25.11 -14.30
CA THR B 115 15.30 25.04 -15.68
C THR B 115 13.89 24.46 -15.77
N LYS B 116 13.19 24.75 -16.84
CA LYS B 116 11.93 24.12 -17.12
C LYS B 116 12.12 22.61 -17.23
N LYS B 117 13.16 22.15 -17.90
CA LYS B 117 13.45 20.71 -18.01
C LYS B 117 13.50 20.04 -16.64
N GLN B 118 14.07 20.71 -15.64
CA GLN B 118 14.08 20.18 -14.28
C GLN B 118 12.69 20.13 -13.68
N VAL B 119 11.93 21.21 -13.78
CA VAL B 119 10.63 21.28 -13.12
C VAL B 119 9.74 20.14 -13.58
N LEU B 120 9.83 19.76 -14.83
CA LEU B 120 9.01 18.68 -15.39
C LEU B 120 9.43 17.31 -14.94
N ARG B 121 10.74 17.08 -14.88
CA ARG B 121 11.29 15.86 -14.31
C ARG B 121 10.91 15.65 -12.84
N MET B 122 10.86 16.74 -12.07
CA MET B 122 10.50 16.69 -10.69
C MET B 122 9.05 16.43 -10.56
N GLU B 123 8.23 16.98 -11.41
CA GLU B 123 6.80 16.71 -11.39
C GLU B 123 6.55 15.20 -11.57
N HIS B 124 7.30 14.59 -12.48
CA HIS B 124 7.19 13.17 -12.79
C HIS B 124 7.58 12.37 -11.59
N LEU B 125 8.59 12.83 -10.86
CA LEU B 125 9.09 12.15 -9.67
C LEU B 125 8.16 12.33 -8.48
N VAL B 126 7.70 13.54 -8.23
CA VAL B 126 6.75 13.79 -7.15
C VAL B 126 5.51 12.95 -7.37
N LEU B 127 5.07 12.74 -8.60
CA LEU B 127 3.94 11.86 -8.86
C LEU B 127 4.32 10.43 -8.60
N LYS B 128 5.53 9.99 -8.96
CA LYS B 128 5.92 8.57 -8.75
C LYS B 128 5.93 8.23 -7.25
N VAL B 129 6.55 9.08 -6.45
CA VAL B 129 6.58 8.95 -4.99
C VAL B 129 5.21 9.10 -4.33
N LEU B 130 4.39 10.05 -4.74
CA LEU B 130 3.05 10.12 -4.22
C LEU B 130 2.14 9.07 -4.84
N THR B 131 2.66 8.23 -5.71
CA THR B 131 1.90 7.14 -6.37
C THR B 131 0.59 7.65 -6.96
N PHE B 132 0.70 8.80 -7.62
CA PHE B 132 -0.41 9.53 -8.17
C PHE B 132 -1.57 9.88 -7.25
N ASP B 133 -1.43 9.71 -5.93
CA ASP B 133 -2.53 9.96 -4.97
C ASP B 133 -2.55 11.42 -4.45
N LEU B 134 -3.12 12.27 -5.30
CA LEU B 134 -3.13 13.71 -5.14
C LEU B 134 -4.43 14.31 -4.59
N ALA B 135 -5.44 13.50 -4.37
CA ALA B 135 -6.74 13.97 -3.92
C ALA B 135 -6.78 13.97 -2.40
N ALA B 136 -5.90 14.73 -1.79
CA ALA B 136 -5.68 14.70 -0.33
C ALA B 136 -6.64 15.63 0.39
N PRO B 137 -7.18 15.14 1.50
CA PRO B 137 -7.87 15.99 2.44
C PRO B 137 -6.97 17.07 3.03
N THR B 138 -7.57 18.22 3.30
CA THR B 138 -6.87 19.35 3.84
C THR B 138 -7.67 20.00 4.94
N VAL B 139 -7.00 20.85 5.68
CA VAL B 139 -7.64 21.57 6.78
C VAL B 139 -8.76 22.39 6.23
N ASN B 140 -8.51 22.96 5.07
CA ASN B 140 -9.51 23.73 4.36
C ASN B 140 -10.82 22.95 3.99
N GLN B 141 -10.74 21.70 3.60
CA GLN B 141 -11.96 20.93 3.28
C GLN B 141 -12.75 20.58 4.51
N PHE B 142 -12.08 20.56 5.65
CA PHE B 142 -12.83 20.37 6.85
C PHE B 142 -13.45 21.69 7.30
N LEU B 143 -12.69 22.77 7.31
CA LEU B 143 -13.20 24.09 7.73
C LEU B 143 -14.49 24.40 7.02
N THR B 144 -14.40 24.42 5.71
CA THR B 144 -15.53 24.59 4.81
C THR B 144 -16.79 23.82 5.18
N GLN B 145 -16.63 22.56 5.55
CA GLN B 145 -17.77 21.75 5.96
C GLN B 145 -18.28 22.23 7.30
N TYR B 146 -17.34 22.48 8.21
CA TYR B 146 -17.63 22.95 9.54
C TYR B 146 -18.44 24.25 9.49
N PHE B 147 -18.11 25.16 8.57
CA PHE B 147 -18.78 26.46 8.51
C PHE B 147 -20.31 26.42 8.38
N LEU B 148 -20.85 25.31 7.90
CA LEU B 148 -22.30 25.20 7.76
C LEU B 148 -23.03 24.94 9.08
N HIS B 149 -22.31 24.63 10.16
CA HIS B 149 -22.91 24.41 11.49
C HIS B 149 -22.84 25.67 12.38
N GLN B 150 -22.84 26.83 11.74
CA GLN B 150 -22.55 28.10 12.34
C GLN B 150 -23.83 28.94 12.19
N GLN B 151 -24.40 29.38 13.33
CA GLN B 151 -25.62 30.21 13.33
C GLN B 151 -25.55 31.51 14.19
N PRO B 152 -25.71 32.69 13.57
CA PRO B 152 -25.78 32.85 12.09
C PRO B 152 -24.38 32.62 11.46
N ALA B 153 -24.30 32.49 10.11
CA ALA B 153 -23.00 32.52 9.40
C ALA B 153 -22.27 33.85 9.73
N ASN B 154 -20.94 33.87 9.70
CA ASN B 154 -20.19 35.07 10.12
C ASN B 154 -18.89 35.18 9.33
N CYS B 155 -18.85 36.14 8.41
CA CYS B 155 -17.74 36.23 7.46
C CYS B 155 -16.42 36.38 8.20
N LYS B 156 -16.41 37.17 9.27
CA LYS B 156 -15.24 37.34 10.15
C LYS B 156 -14.76 36.00 10.72
N VAL B 157 -15.66 35.19 11.27
CA VAL B 157 -15.29 33.87 11.85
C VAL B 157 -14.60 32.93 10.83
N GLU B 158 -15.16 32.87 9.64
CA GLU B 158 -14.68 31.98 8.61
C GLU B 158 -13.28 32.36 8.15
N SER B 159 -13.09 33.64 7.86
CA SER B 159 -11.78 34.10 7.42
C SER B 159 -10.69 33.92 8.46
N LEU B 160 -11.04 34.17 9.72
CA LEU B 160 -10.11 33.92 10.83
C LEU B 160 -9.82 32.42 11.00
N ALA B 161 -10.86 31.61 10.87
CA ALA B 161 -10.68 30.21 10.89
C ALA B 161 -9.71 29.79 9.80
N MET B 162 -9.88 30.34 8.60
CA MET B 162 -8.99 30.01 7.48
C MET B 162 -7.57 30.45 7.79
N PHE B 163 -7.43 31.64 8.35
CA PHE B 163 -6.12 32.22 8.72
C PHE B 163 -5.28 31.31 9.63
N LEU B 164 -5.93 30.71 10.61
CA LEU B 164 -5.27 29.87 11.60
C LEU B 164 -4.96 28.50 10.99
N GLY B 165 -5.84 28.05 10.12
CA GLY B 165 -5.59 26.85 9.34
C GLY B 165 -4.39 26.99 8.43
N GLU B 166 -4.21 28.19 7.88
CA GLU B 166 -3.10 28.50 6.95
C GLU B 166 -1.83 28.68 7.73
N LEU B 167 -1.90 29.35 8.87
CA LEU B 167 -0.70 29.50 9.72
C LEU B 167 -0.14 28.17 10.14
N SER B 168 -1.01 27.18 10.39
CA SER B 168 -0.59 25.83 10.74
C SER B 168 0.27 25.12 9.67
N LEU B 169 0.18 25.53 8.41
CA LEU B 169 1.05 24.96 7.40
C LEU B 169 2.52 25.38 7.52
N ILE B 170 2.81 26.48 8.19
CA ILE B 170 4.18 27.00 8.25
C ILE B 170 5.09 26.18 9.18
N ASP B 171 4.59 25.93 10.38
CA ASP B 171 5.39 25.32 11.45
C ASP B 171 5.14 23.82 11.46
N ALA B 172 6.05 23.04 10.89
CA ALA B 172 5.90 21.59 10.87
C ALA B 172 5.92 21.01 12.30
N ASP B 173 6.70 21.59 13.18
CA ASP B 173 6.58 21.31 14.60
C ASP B 173 5.85 22.50 15.19
N PRO B 174 4.67 22.33 15.81
CA PRO B 174 4.07 21.06 16.20
C PRO B 174 3.00 20.44 15.26
N TYR B 175 2.61 21.12 14.19
CA TYR B 175 1.34 20.81 13.51
C TYR B 175 1.31 19.54 12.67
N LEU B 176 2.48 18.93 12.42
CA LEU B 176 2.53 17.69 11.65
C LEU B 176 1.88 16.52 12.36
N LYS B 177 1.87 16.58 13.68
CA LYS B 177 1.24 15.54 14.43
C LYS B 177 -0.28 15.55 14.46
N TYR B 178 -0.93 16.63 14.06
CA TYR B 178 -2.42 16.69 14.15
C TYR B 178 -2.98 16.40 12.80
N LEU B 179 -4.09 15.66 12.73
CA LEU B 179 -4.76 15.41 11.46
C LEU B 179 -5.38 16.73 10.97
N PRO B 180 -5.67 16.84 9.69
CA PRO B 180 -6.36 18.04 9.26
C PRO B 180 -7.76 18.33 9.85
N SER B 181 -8.55 17.31 10.11
CA SER B 181 -9.90 17.51 10.70
C SER B 181 -9.86 18.14 12.08
N VAL B 182 -8.70 18.05 12.74
CA VAL B 182 -8.48 18.52 14.09
C VAL B 182 -7.92 19.90 14.10
N ILE B 183 -6.89 20.10 13.29
CA ILE B 183 -6.36 21.43 13.06
C ILE B 183 -7.54 22.30 12.62
N ALA B 184 -8.46 21.76 11.84
CA ALA B 184 -9.66 22.52 11.49
C ALA B 184 -10.54 22.80 12.69
N GLY B 185 -10.81 21.78 13.49
CA GLY B 185 -11.62 21.93 14.70
C GLY B 185 -11.12 23.08 15.55
N ALA B 186 -9.84 23.03 15.83
CA ALA B 186 -9.22 24.01 16.67
C ALA B 186 -9.35 25.40 16.06
N ALA B 187 -8.87 25.53 14.83
CA ALA B 187 -8.98 26.79 14.11
C ALA B 187 -10.38 27.36 14.17
N PHE B 188 -11.39 26.51 13.93
CA PHE B 188 -12.77 26.96 13.91
C PHE B 188 -13.18 27.48 15.29
N HIS B 189 -12.96 26.68 16.32
CA HIS B 189 -13.35 27.09 17.68
C HIS B 189 -12.60 28.31 18.17
N LEU B 190 -11.30 28.36 17.86
CA LEU B 190 -10.48 29.49 18.26
C LEU B 190 -10.97 30.80 17.57
N ALA B 191 -11.37 30.65 16.32
CA ALA B 191 -11.99 31.75 15.57
C ALA B 191 -13.32 32.16 16.12
N LEU B 192 -14.13 31.19 16.47
CA LEU B 192 -15.48 31.43 16.98
C LEU B 192 -15.44 32.15 18.35
N TYR B 193 -14.48 31.77 19.18
CA TYR B 193 -14.28 32.38 20.50
C TYR B 193 -13.72 33.80 20.33
N THR B 194 -12.71 33.97 19.46
CA THR B 194 -12.04 35.27 19.25
C THR B 194 -12.99 36.36 18.75
N VAL B 195 -13.97 36.00 17.92
CA VAL B 195 -14.97 36.94 17.41
C VAL B 195 -16.29 36.93 18.16
N THR B 196 -17.09 35.86 18.07
CA THR B 196 -18.45 35.79 18.72
C THR B 196 -18.45 35.37 20.22
N GLY B 197 -17.34 34.83 20.70
CA GLY B 197 -17.24 34.39 22.10
C GLY B 197 -17.98 33.09 22.37
N GLN B 198 -18.37 32.36 21.33
CA GLN B 198 -18.99 31.05 21.49
C GLN B 198 -17.93 29.94 21.36
N SER B 199 -18.39 28.74 21.67
CA SER B 199 -17.58 27.56 21.64
C SER B 199 -18.03 26.66 20.51
N TRP B 200 -17.13 25.75 20.16
CA TRP B 200 -17.36 24.56 19.35
C TRP B 200 -18.77 24.04 19.65
N PRO B 201 -19.67 24.06 18.64
CA PRO B 201 -21.07 23.74 18.91
C PRO B 201 -21.33 22.24 19.00
N GLU B 202 -22.51 21.89 19.49
CA GLU B 202 -22.84 20.50 19.81
C GLU B 202 -23.11 19.72 18.53
N SER B 203 -23.72 20.37 17.55
CA SER B 203 -23.85 19.84 16.19
C SER B 203 -22.52 19.29 15.61
N LEU B 204 -21.42 19.98 15.90
CA LEU B 204 -20.09 19.53 15.47
C LEU B 204 -19.48 18.45 16.36
N ILE B 205 -19.95 18.33 17.59
CA ILE B 205 -19.63 17.18 18.39
C ILE B 205 -20.36 15.94 17.82
N ARG B 206 -21.67 16.09 17.52
CA ARG B 206 -22.46 15.00 16.92
C ARG B 206 -21.86 14.59 15.56
N LYS B 207 -21.30 15.53 14.79
CA LYS B 207 -20.80 15.24 13.43
C LYS B 207 -19.37 14.69 13.36
N THR B 208 -18.46 15.15 14.22
CA THR B 208 -17.04 14.72 14.22
C THR B 208 -16.61 13.79 15.36
N GLY B 209 -17.36 13.83 16.46
CA GLY B 209 -16.98 13.17 17.71
C GLY B 209 -15.87 13.84 18.49
N TYR B 210 -15.40 15.01 18.05
CA TYR B 210 -14.40 15.78 18.78
C TYR B 210 -15.15 16.67 19.72
N THR B 211 -14.95 16.44 21.00
CA THR B 211 -15.41 17.34 22.05
C THR B 211 -14.40 18.44 22.20
N LEU B 212 -14.75 19.48 22.94
CA LEU B 212 -13.85 20.61 23.13
C LEU B 212 -12.57 20.18 23.85
N GLU B 213 -12.66 19.14 24.68
CA GLU B 213 -11.50 18.61 25.39
C GLU B 213 -10.55 17.71 24.57
N SER B 214 -11.05 16.97 23.58
CA SER B 214 -10.17 16.24 22.63
C SER B 214 -9.36 17.19 21.73
N LEU B 215 -9.97 18.32 21.40
CA LEU B 215 -9.29 19.39 20.68
C LEU B 215 -8.19 20.07 21.48
N LYS B 216 -8.27 20.04 22.82
CA LYS B 216 -7.31 20.77 23.69
C LYS B 216 -5.83 20.78 23.30
N PRO B 217 -5.20 19.61 23.11
CA PRO B 217 -3.77 19.63 22.77
C PRO B 217 -3.44 20.56 21.60
N CYS B 218 -4.07 20.31 20.47
CA CYS B 218 -3.87 21.12 19.29
C CYS B 218 -4.23 22.58 19.54
N LEU B 219 -5.35 22.78 20.22
CA LEU B 219 -5.89 24.11 20.51
C LEU B 219 -4.89 24.92 21.34
N MET B 220 -4.17 24.27 22.26
CA MET B 220 -3.11 24.93 23.04
C MET B 220 -2.01 25.46 22.11
N ASP B 221 -1.61 24.69 21.10
CA ASP B 221 -0.52 25.08 20.18
C ASP B 221 -0.91 26.23 19.27
N LEU B 222 -2.09 26.08 18.65
CA LEU B 222 -2.67 27.08 17.77
C LEU B 222 -2.88 28.43 18.46
N HIS B 223 -3.26 28.38 19.74
CA HIS B 223 -3.41 29.56 20.56
C HIS B 223 -2.10 30.30 20.58
N GLN B 224 -1.01 29.57 20.81
CA GLN B 224 0.37 30.15 20.90
C GLN B 224 0.92 30.66 19.54
N THR B 225 0.76 29.88 18.47
CA THR B 225 1.12 30.34 17.12
C THR B 225 0.45 31.68 16.78
N TYR B 226 -0.84 31.77 17.11
CA TYR B 226 -1.66 32.99 16.91
C TYR B 226 -1.21 34.16 17.77
N LEU B 227 -0.94 33.93 19.06
CA LEU B 227 -0.46 35.00 19.95
C LEU B 227 0.94 35.51 19.56
N LYS B 228 1.80 34.59 19.10
CA LYS B 228 3.19 34.88 18.69
C LYS B 228 3.34 35.19 17.15
N ALA B 229 2.22 35.42 16.44
CA ALA B 229 2.21 35.52 14.97
C ALA B 229 2.85 36.78 14.42
N PRO B 230 2.72 37.92 15.10
CA PRO B 230 3.47 39.11 14.70
C PRO B 230 5.01 39.03 14.61
N GLN B 231 5.67 38.34 15.55
CA GLN B 231 7.17 38.20 15.57
C GLN B 231 7.76 37.05 14.72
N HIS B 232 6.89 36.09 14.39
CA HIS B 232 7.27 34.92 13.58
C HIS B 232 7.99 35.39 12.30
N ALA B 233 9.10 34.74 11.96
CA ALA B 233 9.97 35.18 10.85
C ALA B 233 9.24 35.28 9.48
N GLN B 234 8.35 34.33 9.21
CA GLN B 234 7.57 34.29 7.96
C GLN B 234 6.27 35.04 8.19
N GLN B 235 5.97 35.98 7.31
CA GLN B 235 4.91 36.98 7.54
C GLN B 235 3.94 37.15 6.37
N SER B 236 4.05 36.30 5.33
CA SER B 236 3.23 36.46 4.12
C SER B 236 1.78 36.12 4.37
N ILE B 237 1.57 35.15 5.23
CA ILE B 237 0.23 34.77 5.61
C ILE B 237 -0.42 35.91 6.36
N ARG B 238 0.26 36.51 7.32
CA ARG B 238 -0.31 37.68 8.01
C ARG B 238 -0.72 38.79 7.05
N GLU B 239 0.17 39.14 6.11
CA GLU B 239 -0.08 40.21 5.12
C GLU B 239 -1.31 39.90 4.28
N LYS B 240 -1.35 38.68 3.74
CA LYS B 240 -2.50 38.12 3.01
C LYS B 240 -3.86 38.43 3.63
N TYR B 241 -3.97 38.13 4.93
CA TYR B 241 -5.24 38.21 5.68
C TYR B 241 -5.51 39.58 6.37
N LYS B 242 -4.75 40.60 6.00
CA LYS B 242 -5.11 41.97 6.30
C LYS B 242 -6.11 42.46 5.29
N ASN B 243 -6.12 41.84 4.12
CA ASN B 243 -6.82 42.40 2.96
C ASN B 243 -8.37 42.30 3.08
N SER B 244 -9.06 43.25 2.44
CA SER B 244 -10.53 43.32 2.43
C SER B 244 -11.23 41.99 2.17
N LYS B 245 -10.72 41.21 1.23
CA LYS B 245 -11.27 39.86 0.89
C LYS B 245 -11.56 39.07 2.12
N TYR B 246 -10.53 38.93 2.96
CA TYR B 246 -10.55 38.16 4.21
C TYR B 246 -10.83 39.05 5.43
N HIS B 247 -11.47 40.18 5.23
CA HIS B 247 -11.95 41.03 6.30
C HIS B 247 -10.97 41.43 7.37
N GLY B 248 -9.69 41.43 7.05
CA GLY B 248 -8.65 41.97 7.94
C GLY B 248 -8.51 41.35 9.29
N VAL B 249 -8.74 40.05 9.34
CA VAL B 249 -8.78 39.33 10.60
C VAL B 249 -7.39 39.01 11.16
N SER B 250 -6.36 39.05 10.30
CA SER B 250 -4.98 38.92 10.79
C SER B 250 -4.72 40.05 11.78
N LEU B 251 -5.28 41.24 11.51
CA LEU B 251 -5.24 42.36 12.45
C LEU B 251 -5.93 42.09 13.78
N LEU B 252 -7.12 41.49 13.78
CA LEU B 252 -7.87 41.17 15.02
C LEU B 252 -6.94 40.66 16.13
N ASN B 253 -6.96 41.32 17.30
CA ASN B 253 -6.04 40.96 18.40
C ASN B 253 -6.54 39.68 19.09
N PRO B 254 -5.65 38.63 19.23
CA PRO B 254 -6.08 37.36 19.84
C PRO B 254 -6.54 37.49 21.31
N PRO B 255 -7.28 36.49 21.82
CA PRO B 255 -7.83 36.51 23.15
C PRO B 255 -6.83 36.07 24.24
N GLU B 256 -7.30 36.20 25.48
CA GLU B 256 -6.57 36.02 26.73
C GLU B 256 -6.20 34.53 26.98
N THR B 257 -7.19 33.58 27.01
CA THR B 257 -6.98 32.08 26.96
C THR B 257 -8.08 31.35 26.13
N SER C 5 13.95 4.97 -15.50
CA SER C 5 14.05 4.19 -14.22
C SER C 5 15.35 4.58 -13.49
N MET C 6 16.46 4.38 -14.19
CA MET C 6 17.75 4.90 -13.77
C MET C 6 18.07 6.27 -14.32
N GLU C 7 17.29 6.76 -15.31
CA GLU C 7 17.42 8.15 -15.77
C GLU C 7 17.74 9.13 -14.61
N ASN C 8 17.08 8.89 -13.48
CA ASN C 8 17.22 9.71 -12.26
C ASN C 8 18.55 9.67 -11.50
N PHE C 9 19.28 8.56 -11.53
CA PHE C 9 20.45 8.38 -10.69
C PHE C 9 21.72 8.49 -11.47
N GLN C 10 22.71 9.17 -10.91
CA GLN C 10 24.04 9.32 -11.49
C GLN C 10 25.04 8.55 -10.64
N LYS C 11 25.71 7.56 -11.24
CA LYS C 11 26.71 6.77 -10.54
C LYS C 11 27.92 7.63 -10.17
N VAL C 12 28.34 7.52 -8.90
CA VAL C 12 29.50 8.26 -8.40
C VAL C 12 30.76 7.40 -8.48
N GLU C 13 30.69 6.18 -7.97
CA GLU C 13 31.85 5.29 -7.87
C GLU C 13 31.35 3.92 -7.47
N LYS C 14 32.11 2.88 -7.76
CA LYS C 14 31.79 1.53 -7.28
C LYS C 14 32.12 1.55 -5.79
N ILE C 15 31.49 0.68 -5.02
CA ILE C 15 31.67 0.61 -3.55
C ILE C 15 32.17 -0.74 -3.07
N GLY C 16 32.13 -1.75 -3.92
CA GLY C 16 32.23 -3.13 -3.47
C GLY C 16 31.37 -4.14 -4.22
N GLU C 17 31.52 -5.40 -3.87
CA GLU C 17 30.73 -6.51 -4.41
C GLU C 17 30.25 -7.22 -3.16
N GLY C 18 28.96 -7.56 -3.12
CA GLY C 18 28.35 -8.18 -1.93
C GLY C 18 28.10 -9.68 -2.12
N THR C 19 27.00 -10.16 -1.53
CA THR C 19 26.60 -11.57 -1.71
C THR C 19 25.88 -11.90 -3.08
N TYR C 20 25.51 -10.91 -3.91
CA TYR C 20 24.97 -11.18 -5.29
C TYR C 20 25.21 -10.03 -6.28
N GLY C 21 26.42 -9.52 -6.28
CA GLY C 21 26.80 -8.59 -7.31
C GLY C 21 26.86 -7.19 -6.77
N VAL C 22 27.14 -6.30 -7.70
CA VAL C 22 27.86 -5.08 -7.45
C VAL C 22 27.04 -3.93 -6.86
N VAL C 23 27.65 -3.20 -5.94
CA VAL C 23 27.08 -2.04 -5.25
C VAL C 23 27.80 -0.74 -5.64
N TYR C 24 27.08 0.31 -6.00
CA TYR C 24 27.66 1.60 -6.39
C TYR C 24 27.13 2.70 -5.47
N LYS C 25 27.84 3.82 -5.39
CA LYS C 25 27.31 5.00 -4.74
C LYS C 25 26.61 5.72 -5.87
N ALA C 26 25.57 6.48 -5.56
CA ALA C 26 24.90 7.29 -6.57
C ALA C 26 24.18 8.48 -5.97
N ARG C 27 23.88 9.45 -6.83
CA ARG C 27 23.19 10.67 -6.46
C ARG C 27 21.89 10.70 -7.17
N ASN C 28 20.82 10.99 -6.46
CA ASN C 28 19.56 11.31 -7.11
C ASN C 28 19.82 12.66 -7.74
N LYS C 29 19.82 12.73 -9.07
CA LYS C 29 20.08 13.98 -9.79
C LYS C 29 19.14 15.13 -9.41
N LEU C 30 17.90 14.82 -9.06
CA LEU C 30 16.87 15.81 -8.73
C LEU C 30 16.79 16.23 -7.26
N THR C 31 16.79 15.29 -6.32
CA THR C 31 16.75 15.63 -4.89
C THR C 31 18.12 15.85 -4.31
N GLY C 32 19.13 15.24 -4.91
CA GLY C 32 20.53 15.27 -4.42
C GLY C 32 20.86 14.19 -3.41
N GLU C 33 19.86 13.36 -3.09
CA GLU C 33 20.01 12.29 -2.12
C GLU C 33 21.10 11.35 -2.57
N VAL C 34 21.92 10.90 -1.65
CA VAL C 34 22.96 9.95 -1.97
C VAL C 34 22.47 8.57 -1.59
N VAL C 35 22.65 7.60 -2.47
CA VAL C 35 22.20 6.25 -2.21
C VAL C 35 23.22 5.23 -2.65
N ALA C 36 23.01 4.01 -2.18
CA ALA C 36 23.79 2.88 -2.58
C ALA C 36 22.92 2.00 -3.43
N LEU C 37 23.41 1.71 -4.61
CA LEU C 37 22.64 1.14 -5.67
C LEU C 37 23.23 -0.24 -5.88
N LYS C 38 22.57 -1.31 -5.46
CA LYS C 38 23.07 -2.67 -5.68
C LYS C 38 22.46 -3.29 -6.94
N LYS C 39 23.29 -3.64 -7.93
CA LYS C 39 22.84 -4.13 -9.26
C LYS C 39 22.88 -5.67 -9.29
N ILE C 40 21.73 -6.30 -9.56
CA ILE C 40 21.57 -7.76 -9.69
C ILE C 40 21.32 -8.04 -11.16
N ARG C 41 21.91 -9.14 -11.65
CA ARG C 41 21.76 -9.56 -13.04
C ARG C 41 20.76 -10.73 -13.25
N LEU C 42 19.84 -10.49 -14.19
CA LEU C 42 18.82 -11.46 -14.60
C LEU C 42 18.94 -11.78 -16.11
N ASP C 43 18.41 -12.93 -16.55
CA ASP C 43 18.10 -13.22 -17.97
C ASP C 43 17.22 -14.52 -18.10
N THR C 44 16.94 -14.88 -19.36
CA THR C 44 16.45 -16.17 -19.92
C THR C 44 16.81 -17.47 -19.22
N GLU C 45 17.79 -17.49 -18.33
CA GLU C 45 18.18 -18.75 -17.71
C GLU C 45 18.54 -18.69 -16.27
N THR C 46 19.26 -17.65 -15.85
CA THR C 46 19.98 -17.56 -14.53
C THR C 46 19.14 -18.10 -13.32
N GLU C 47 18.19 -19.02 -13.63
CA GLU C 47 16.96 -19.24 -12.91
C GLU C 47 16.18 -17.94 -12.67
N GLY C 48 16.14 -17.01 -13.63
CA GLY C 48 15.53 -15.70 -13.39
C GLY C 48 16.09 -15.12 -12.13
N VAL C 49 15.26 -14.68 -11.20
CA VAL C 49 15.68 -13.84 -10.08
C VAL C 49 16.30 -14.66 -8.96
N PRO C 50 17.54 -14.35 -8.52
CA PRO C 50 18.24 -15.19 -7.55
C PRO C 50 17.49 -15.43 -6.25
N SER C 51 17.57 -16.65 -5.72
CA SER C 51 17.00 -16.92 -4.42
C SER C 51 17.48 -15.93 -3.36
N THR C 52 18.75 -15.53 -3.41
CA THR C 52 19.33 -14.65 -2.37
C THR C 52 18.71 -13.25 -2.39
N ALA C 53 18.38 -12.76 -3.57
CA ALA C 53 17.78 -11.44 -3.73
C ALA C 53 16.32 -11.45 -3.33
N ILE C 54 15.63 -12.52 -3.65
CA ILE C 54 14.26 -12.70 -3.24
C ILE C 54 14.14 -12.69 -1.71
N ARG C 55 15.03 -13.32 -0.99
CA ARG C 55 14.93 -13.27 0.46
C ARG C 55 15.35 -11.93 0.98
N GLU C 56 16.36 -11.31 0.38
CA GLU C 56 16.81 -10.01 0.89
C GLU C 56 15.70 -8.96 0.76
N ILE C 57 15.16 -8.83 -0.45
CA ILE C 57 14.20 -7.79 -0.75
C ILE C 57 12.95 -8.04 0.08
N SER C 58 12.46 -9.26 0.14
CA SER C 58 11.21 -9.55 0.84
C SER C 58 11.37 -9.42 2.33
N LEU C 59 12.44 -9.90 2.90
CA LEU C 59 12.59 -9.75 4.34
C LEU C 59 12.81 -8.31 4.75
N LEU C 60 13.34 -7.48 3.87
CA LEU C 60 13.82 -6.18 4.25
C LEU C 60 12.77 -5.13 4.02
N LYS C 61 11.78 -5.47 3.20
CA LYS C 61 10.53 -4.74 3.12
C LYS C 61 9.82 -4.82 4.48
N GLU C 62 9.89 -5.96 5.14
CA GLU C 62 9.34 -6.06 6.48
C GLU C 62 10.13 -5.41 7.58
N LEU C 63 11.41 -5.10 7.44
CA LEU C 63 12.15 -4.64 8.61
C LEU C 63 12.44 -3.15 8.58
N ASN C 64 11.54 -2.31 9.06
CA ASN C 64 11.94 -0.90 9.27
C ASN C 64 12.46 -0.74 10.65
N HIS C 65 13.76 -0.52 10.84
CA HIS C 65 14.31 -0.24 12.17
C HIS C 65 15.52 0.66 12.05
N PRO C 66 15.72 1.58 12.98
CA PRO C 66 16.83 2.54 12.81
C PRO C 66 18.28 1.97 12.77
N ASN C 67 18.43 0.69 13.10
CA ASN C 67 19.68 -0.08 13.07
C ASN C 67 19.66 -1.26 12.07
N ILE C 68 18.83 -1.14 11.04
CA ILE C 68 18.80 -2.04 9.93
C ILE C 68 18.74 -1.20 8.68
N VAL C 69 19.61 -1.49 7.73
CA VAL C 69 19.72 -0.64 6.57
C VAL C 69 18.44 -0.62 5.82
N LYS C 70 17.94 0.59 5.65
CA LYS C 70 16.69 0.85 5.01
C LYS C 70 16.73 0.64 3.50
N LEU C 71 15.79 -0.16 2.98
CA LEU C 71 15.67 -0.42 1.53
C LEU C 71 14.67 0.57 0.97
N LEU C 72 15.12 1.51 0.14
CA LEU C 72 14.27 2.60 -0.30
C LEU C 72 13.40 2.25 -1.49
N ASP C 73 13.84 1.34 -2.35
CA ASP C 73 13.20 1.16 -3.67
C ASP C 73 13.80 -0.04 -4.39
N VAL C 74 13.05 -0.59 -5.33
CA VAL C 74 13.45 -1.77 -6.06
C VAL C 74 13.07 -1.47 -7.45
N ILE C 75 14.06 -1.35 -8.34
CA ILE C 75 13.80 -1.01 -9.71
C ILE C 75 14.00 -2.24 -10.59
N HIS C 76 12.86 -2.78 -11.07
CA HIS C 76 12.82 -3.78 -12.12
C HIS C 76 13.07 -3.09 -13.43
N THR C 77 14.07 -3.55 -14.15
CA THR C 77 13.99 -3.51 -15.59
C THR C 77 13.80 -5.00 -15.93
N GLU C 78 14.01 -5.30 -17.20
CA GLU C 78 13.65 -6.60 -17.77
C GLU C 78 14.80 -7.58 -17.58
N ASN C 79 16.05 -7.11 -17.56
CA ASN C 79 17.23 -7.96 -17.26
C ASN C 79 18.13 -7.48 -16.11
N LYS C 80 17.81 -6.33 -15.53
CA LYS C 80 18.59 -5.80 -14.43
C LYS C 80 17.59 -5.52 -13.33
N LEU C 81 17.96 -5.85 -12.11
CA LEU C 81 17.19 -5.44 -10.94
C LEU C 81 18.09 -4.59 -10.04
N TYR C 82 17.70 -3.37 -9.73
CA TYR C 82 18.50 -2.45 -8.86
C TYR C 82 17.80 -2.21 -7.55
N LEU C 83 18.49 -2.43 -6.44
CA LEU C 83 17.93 -2.20 -5.14
C LEU C 83 18.55 -0.92 -4.69
N VAL C 84 17.71 0.05 -4.38
CA VAL C 84 18.16 1.34 -3.91
C VAL C 84 18.13 1.30 -2.41
N PHE C 85 19.26 1.58 -1.75
CA PHE C 85 19.39 1.50 -0.30
C PHE C 85 19.81 2.87 0.20
N GLU C 86 19.60 3.13 1.49
CA GLU C 86 20.22 4.28 2.13
C GLU C 86 21.72 4.15 2.08
N PHE C 87 22.41 5.26 2.00
CA PHE C 87 23.85 5.15 1.86
C PHE C 87 24.57 5.31 3.19
N LEU C 88 25.44 4.40 3.58
CA LEU C 88 26.25 4.65 4.72
C LEU C 88 27.70 4.79 4.29
N HIS C 89 28.47 5.49 5.13
CA HIS C 89 29.78 5.99 4.76
C HIS C 89 30.81 4.92 4.68
N GLN C 90 30.71 3.93 5.58
CA GLN C 90 31.79 3.00 5.88
C GLN C 90 31.27 1.73 6.52
N ASP C 91 32.06 0.67 6.57
CA ASP C 91 31.66 -0.50 7.35
C ASP C 91 32.58 -0.69 8.52
N LEU C 92 32.21 -1.61 9.40
CA LEU C 92 32.87 -1.81 10.67
C LEU C 92 34.19 -2.53 10.49
N LYS C 93 34.36 -3.29 9.41
CA LYS C 93 35.63 -3.91 9.08
C LYS C 93 36.65 -2.79 8.79
N LYS C 94 36.37 -1.99 7.78
CA LYS C 94 37.18 -0.84 7.43
C LYS C 94 37.46 0.12 8.57
N PHE C 95 36.46 0.38 9.39
CA PHE C 95 36.60 1.23 10.58
C PHE C 95 37.54 0.65 11.66
N MET C 96 37.46 -0.64 11.96
CA MET C 96 38.45 -1.31 12.83
C MET C 96 39.88 -1.32 12.27
N ASP C 97 40.04 -1.38 10.96
CA ASP C 97 41.38 -1.25 10.34
C ASP C 97 41.88 0.17 10.43
N ALA C 98 41.00 1.14 10.25
CA ALA C 98 41.35 2.54 10.42
C ALA C 98 41.53 2.93 11.90
N SER C 99 40.94 2.19 12.85
CA SER C 99 41.07 2.50 14.31
C SER C 99 42.12 1.62 15.00
N ALA C 100 43.07 1.07 14.26
CA ALA C 100 43.96 0.03 14.78
C ALA C 100 45.05 0.61 15.69
N LEU C 101 45.62 1.77 15.35
CA LEU C 101 46.73 2.32 16.12
C LEU C 101 46.39 2.69 17.55
N THR C 102 45.16 3.15 17.77
CA THR C 102 44.74 3.62 19.09
C THR C 102 43.51 2.92 19.67
N GLY C 103 42.94 1.96 18.96
CA GLY C 103 41.78 1.23 19.49
C GLY C 103 40.51 2.04 19.42
N ILE C 104 39.38 1.34 19.47
CA ILE C 104 38.09 1.99 19.48
C ILE C 104 37.80 2.31 20.95
N PRO C 105 37.40 3.55 21.25
CA PRO C 105 37.08 3.94 22.63
C PRO C 105 35.95 3.10 23.21
N LEU C 106 36.03 2.82 24.50
CA LEU C 106 35.09 1.89 25.12
C LEU C 106 33.61 2.39 25.05
N PRO C 107 33.38 3.69 25.25
CA PRO C 107 32.01 4.14 25.04
C PRO C 107 31.50 3.81 23.64
N LEU C 108 32.32 3.92 22.60
CA LEU C 108 31.87 3.65 21.24
C LEU C 108 31.57 2.18 21.03
N ILE C 109 32.43 1.31 21.54
CA ILE C 109 32.23 -0.11 21.45
C ILE C 109 30.89 -0.48 22.12
N LYS C 110 30.61 0.17 23.24
CA LYS C 110 29.39 -0.09 23.99
C LYS C 110 28.13 0.41 23.19
N SER C 111 28.23 1.63 22.66
CA SER C 111 27.22 2.22 21.79
C SER C 111 26.92 1.25 20.67
N TYR C 112 27.96 0.75 20.01
CA TYR C 112 27.77 -0.04 18.81
C TYR C 112 27.16 -1.39 19.14
N LEU C 113 27.58 -2.03 20.23
CA LEU C 113 27.02 -3.33 20.61
C LEU C 113 25.51 -3.18 20.91
N PHE C 114 25.19 -2.16 21.69
CA PHE C 114 23.82 -1.83 22.07
C PHE C 114 22.97 -1.70 20.80
N GLN C 115 23.38 -0.87 19.87
CA GLN C 115 22.60 -0.67 18.66
C GLN C 115 22.43 -1.94 17.80
N LEU C 116 23.51 -2.71 17.65
CA LEU C 116 23.42 -3.97 16.93
C LEU C 116 22.47 -4.94 17.63
N LEU C 117 22.60 -5.10 18.94
CA LEU C 117 21.64 -5.92 19.70
C LEU C 117 20.18 -5.48 19.50
N GLN C 118 19.97 -4.17 19.39
CA GLN C 118 18.65 -3.62 19.13
C GLN C 118 18.12 -4.04 17.80
N GLY C 119 18.98 -3.96 16.78
CA GLY C 119 18.64 -4.44 15.44
C GLY C 119 18.41 -5.94 15.35
N LEU C 120 19.18 -6.69 16.10
CA LEU C 120 18.99 -8.12 16.12
C LEU C 120 17.74 -8.55 16.84
N ALA C 121 17.46 -7.90 17.96
CA ALA C 121 16.28 -8.25 18.72
C ALA C 121 15.06 -8.02 17.82
N PHE C 122 15.14 -6.98 16.99
CA PHE C 122 14.06 -6.62 16.13
C PHE C 122 13.88 -7.68 15.05
N CYS C 123 14.95 -8.01 14.34
CA CYS C 123 14.97 -9.11 13.37
C CYS C 123 14.40 -10.37 13.90
N HIS C 124 14.93 -10.77 15.06
CA HIS C 124 14.56 -12.04 15.69
C HIS C 124 13.06 -12.08 16.04
N SER C 125 12.54 -10.95 16.54
CA SER C 125 11.14 -10.85 16.89
C SER C 125 10.22 -10.73 15.72
N HIS C 126 10.78 -10.61 14.52
CA HIS C 126 10.03 -10.76 13.27
C HIS C 126 10.35 -12.00 12.51
N ARG C 127 10.72 -13.06 13.23
CA ARG C 127 11.11 -14.35 12.67
C ARG C 127 12.18 -14.35 11.56
N VAL C 128 13.23 -13.56 11.76
CA VAL C 128 14.31 -13.46 10.78
C VAL C 128 15.64 -13.63 11.49
N LEU C 129 16.44 -14.59 11.04
CA LEU C 129 17.87 -14.59 11.42
C LEU C 129 18.71 -14.12 10.24
N HIS C 130 19.73 -13.32 10.60
CA HIS C 130 20.62 -12.72 9.65
C HIS C 130 21.78 -13.64 9.66
N ARG C 131 21.95 -14.63 8.81
CA ARG C 131 22.94 -15.65 9.24
C ARG C 131 24.33 -15.33 8.70
N ASP C 132 24.73 -14.09 8.87
CA ASP C 132 25.98 -13.60 8.32
C ASP C 132 26.37 -12.27 8.94
N LEU C 133 26.27 -12.19 10.25
CA LEU C 133 26.82 -11.07 10.94
C LEU C 133 28.29 -11.14 10.89
N LYS C 134 28.90 -10.11 10.37
CA LYS C 134 30.32 -9.98 10.39
C LYS C 134 30.58 -8.52 10.10
N PRO C 135 31.78 -8.01 10.46
CA PRO C 135 32.01 -6.59 10.30
C PRO C 135 31.84 -6.06 8.87
N GLN C 136 32.12 -6.86 7.86
CA GLN C 136 31.92 -6.37 6.51
C GLN C 136 30.47 -5.88 6.26
N ASN C 137 29.48 -6.55 6.90
CA ASN C 137 28.05 -6.20 6.74
C ASN C 137 27.41 -5.31 7.85
N LEU C 138 28.20 -4.63 8.67
CA LEU C 138 27.64 -3.71 9.62
C LEU C 138 28.12 -2.34 9.15
N LEU C 139 27.21 -1.46 8.75
CA LEU C 139 27.64 -0.16 8.21
C LEU C 139 27.54 0.91 9.27
N ILE C 140 28.42 1.89 9.23
CA ILE C 140 28.34 3.01 10.15
C ILE C 140 28.27 4.33 9.39
N ASN C 141 27.74 5.35 10.05
CA ASN C 141 27.73 6.72 9.53
C ASN C 141 28.52 7.58 10.47
N THR C 142 28.73 8.82 10.06
CA THR C 142 29.48 9.82 10.84
C THR C 142 28.78 10.27 12.17
N GLU C 143 27.46 10.14 12.25
CA GLU C 143 26.65 10.41 13.48
C GLU C 143 26.83 9.42 14.66
N GLY C 144 27.46 8.26 14.45
CA GLY C 144 27.72 7.28 15.53
C GLY C 144 26.72 6.14 15.63
N ALA C 145 25.94 6.00 14.56
CA ALA C 145 24.98 4.92 14.32
C ALA C 145 25.67 3.75 13.66
N ILE C 146 25.08 2.57 13.77
CA ILE C 146 25.55 1.40 13.07
C ILE C 146 24.34 0.57 12.74
N LYS C 147 24.34 -0.10 11.59
CA LYS C 147 23.18 -0.81 11.09
C LYS C 147 23.52 -2.15 10.44
N LEU C 148 22.58 -3.08 10.45
CA LEU C 148 22.79 -4.41 9.88
C LEU C 148 22.56 -4.36 8.41
N ALA C 149 23.28 -5.11 7.59
CA ALA C 149 23.27 -4.72 6.19
C ALA C 149 23.30 -5.70 5.06
N ASP C 150 23.57 -6.95 5.26
CA ASP C 150 23.43 -7.75 4.09
C ASP C 150 22.52 -8.89 4.40
N PHE C 151 21.24 -8.61 4.15
CA PHE C 151 20.22 -9.55 4.50
C PHE C 151 20.05 -10.63 3.43
N GLY C 152 20.98 -10.71 2.49
CA GLY C 152 20.99 -11.74 1.48
C GLY C 152 21.31 -13.18 1.89
N LEU C 153 21.77 -13.42 3.11
CA LEU C 153 21.83 -14.80 3.53
C LEU C 153 20.81 -15.11 4.57
N ALA C 154 19.93 -14.18 4.83
CA ALA C 154 18.95 -14.34 5.90
C ALA C 154 17.86 -15.27 5.48
N ARG C 155 17.10 -15.72 6.46
CA ARG C 155 15.94 -16.54 6.21
C ARG C 155 14.89 -16.32 7.27
N ALA C 156 13.63 -16.49 6.88
CA ALA C 156 12.52 -16.48 7.81
C ALA C 156 12.40 -17.81 8.46
N PHE C 157 12.36 -17.84 9.79
CA PHE C 157 12.23 -19.14 10.49
C PHE C 157 10.83 -19.43 11.02
N GLY C 158 10.59 -20.68 11.36
CA GLY C 158 9.30 -21.13 11.87
C GLY C 158 9.47 -21.38 13.35
N VAL C 159 8.37 -21.70 14.02
CA VAL C 159 8.38 -21.95 15.45
C VAL C 159 7.63 -23.25 15.66
N PRO C 160 8.29 -24.37 15.96
CA PRO C 160 9.74 -24.50 16.05
C PRO C 160 10.41 -24.47 14.70
N VAL C 161 11.74 -24.49 14.72
CA VAL C 161 12.55 -24.50 13.50
C VAL C 161 12.59 -25.85 12.81
N ARG C 162 12.86 -25.76 11.52
CA ARG C 162 13.30 -26.85 10.68
C ARG C 162 14.81 -26.86 10.54
N THR C 163 15.30 -27.94 9.93
CA THR C 163 16.67 -28.00 9.48
C THR C 163 16.80 -27.01 8.34
N TYR C 164 17.66 -26.02 8.53
CA TYR C 164 18.01 -25.11 7.47
C TYR C 164 19.41 -25.38 6.89
N TPO C 165 19.76 -24.61 5.87
CA TPO C 165 21.08 -24.59 5.22
CB TPO C 165 21.11 -23.31 4.38
CG2 TPO C 165 22.39 -23.08 3.58
OG1 TPO C 165 20.06 -23.39 3.43
P TPO C 165 19.17 -22.07 3.38
O1P TPO C 165 18.44 -22.06 4.67
O2P TPO C 165 18.33 -22.16 2.15
O3P TPO C 165 20.03 -20.85 3.34
C TPO C 165 22.22 -24.64 6.20
O TPO C 165 22.17 -23.99 7.24
N HIS C 166 23.26 -25.39 5.86
CA HIS C 166 24.35 -25.74 6.80
C HIS C 166 25.61 -24.82 6.76
N GLU C 167 26.40 -24.86 5.68
CA GLU C 167 27.57 -23.97 5.55
C GLU C 167 26.92 -22.61 5.42
N VAL C 168 27.04 -21.77 6.42
CA VAL C 168 26.32 -20.49 6.31
C VAL C 168 27.03 -19.24 6.84
N VAL C 169 27.55 -19.21 8.06
CA VAL C 169 28.16 -17.97 8.52
C VAL C 169 29.63 -18.07 8.26
N THR C 170 30.30 -16.92 8.03
CA THR C 170 31.77 -16.95 7.83
C THR C 170 32.41 -17.66 9.02
N LEU C 171 33.43 -18.48 8.74
CA LEU C 171 33.97 -19.39 9.74
C LEU C 171 34.23 -18.75 11.11
N TRP C 172 34.88 -17.58 11.06
CA TRP C 172 35.38 -16.89 12.26
C TRP C 172 34.35 -16.52 13.32
N TYR C 173 33.09 -16.38 12.84
CA TYR C 173 31.93 -15.87 13.56
C TYR C 173 30.82 -16.97 13.62
N ARG C 174 31.23 -18.21 13.34
CA ARG C 174 30.32 -19.33 13.33
C ARG C 174 30.23 -19.96 14.69
N ALA C 175 29.00 -20.21 15.10
CA ALA C 175 28.68 -20.73 16.44
C ALA C 175 28.92 -22.23 16.47
N PRO C 176 29.21 -22.77 17.68
CA PRO C 176 29.65 -24.15 17.78
C PRO C 176 28.60 -25.17 17.41
N GLU C 177 27.31 -24.85 17.59
CA GLU C 177 26.25 -25.76 17.21
C GLU C 177 26.14 -25.96 15.68
N ILE C 178 26.75 -25.10 14.88
CA ILE C 178 26.82 -25.30 13.43
C ILE C 178 28.06 -26.15 13.10
N LEU C 179 29.16 -25.83 13.73
CA LEU C 179 30.41 -26.56 13.55
C LEU C 179 30.28 -28.02 13.97
N LEU C 180 29.60 -28.25 15.08
CA LEU C 180 29.24 -29.62 15.49
C LEU C 180 28.12 -30.28 14.67
N GLY C 181 27.56 -29.61 13.67
CA GLY C 181 26.67 -30.24 12.71
C GLY C 181 25.28 -30.60 13.19
N CYS C 182 24.85 -30.01 14.30
CA CYS C 182 23.44 -30.08 14.68
C CYS C 182 22.44 -29.84 13.55
N LYS C 183 21.25 -30.40 13.75
CA LYS C 183 20.07 -30.24 12.85
C LYS C 183 19.41 -28.87 12.91
N TYR C 184 19.17 -28.42 14.14
CA TYR C 184 18.44 -27.23 14.41
C TYR C 184 19.32 -26.13 14.94
N TYR C 185 19.37 -25.00 14.25
CA TYR C 185 19.86 -23.77 14.83
C TYR C 185 18.81 -22.69 14.72
N SER C 186 18.94 -21.69 15.58
CA SER C 186 17.95 -20.63 15.68
C SER C 186 18.71 -19.33 15.95
N THR C 187 18.02 -18.41 16.63
CA THR C 187 18.49 -17.08 16.93
C THR C 187 19.87 -17.09 17.58
N ALA C 188 20.18 -18.12 18.35
CA ALA C 188 21.46 -18.19 19.06
C ALA C 188 22.71 -18.08 18.16
N VAL C 189 22.61 -18.48 16.90
CA VAL C 189 23.76 -18.32 16.03
C VAL C 189 24.12 -16.88 15.76
N ASP C 190 23.17 -15.96 15.68
CA ASP C 190 23.52 -14.57 15.46
C ASP C 190 24.12 -13.96 16.70
N ILE C 191 23.65 -14.32 17.88
CA ILE C 191 24.21 -13.79 19.12
C ILE C 191 25.67 -14.18 19.28
N TRP C 192 25.98 -15.41 18.90
CA TRP C 192 27.35 -15.84 18.94
C TRP C 192 28.24 -14.96 18.04
N SER C 193 27.82 -14.73 16.81
CA SER C 193 28.52 -13.82 15.91
C SER C 193 28.76 -12.49 16.57
N LEU C 194 27.73 -11.97 17.20
CA LEU C 194 27.80 -10.63 17.73
C LEU C 194 28.75 -10.52 18.92
N GLY C 195 28.74 -11.57 19.76
CA GLY C 195 29.77 -11.75 20.80
C GLY C 195 31.22 -11.81 20.30
N CYS C 196 31.44 -12.45 19.15
CA CYS C 196 32.78 -12.52 18.58
C CYS C 196 33.28 -11.16 18.13
N ILE C 197 32.35 -10.38 17.56
CA ILE C 197 32.63 -9.05 17.04
C ILE C 197 32.84 -8.12 18.22
N PHE C 198 32.04 -8.27 19.27
CA PHE C 198 32.22 -7.49 20.49
C PHE C 198 33.62 -7.67 21.05
N ALA C 199 34.10 -8.92 21.08
CA ALA C 199 35.47 -9.22 21.50
C ALA C 199 36.51 -8.58 20.62
N GLU C 200 36.26 -8.63 19.31
CA GLU C 200 37.17 -8.10 18.28
C GLU C 200 37.36 -6.58 18.33
N MET C 201 36.30 -5.85 18.62
CA MET C 201 36.43 -4.41 18.80
C MET C 201 37.35 -4.06 20.00
N VAL C 202 37.31 -4.90 21.05
CA VAL C 202 37.96 -4.64 22.34
C VAL C 202 39.45 -4.87 22.23
N THR C 203 39.80 -6.06 21.73
CA THR C 203 41.19 -6.51 21.40
C THR C 203 41.26 -6.33 19.90
N ARG C 204 42.32 -5.86 19.29
CA ARG C 204 42.11 -5.51 17.85
C ARG C 204 42.38 -6.66 16.88
N ARG C 205 41.76 -7.78 17.15
CA ARG C 205 42.10 -9.04 16.46
C ARG C 205 40.91 -9.93 16.61
N ALA C 206 40.69 -10.79 15.63
CA ALA C 206 39.55 -11.69 15.67
C ALA C 206 39.71 -12.67 16.84
N LEU C 207 38.62 -13.01 17.48
CA LEU C 207 38.63 -13.85 18.63
C LEU C 207 38.94 -15.32 18.28
N PHE C 208 38.27 -15.87 17.28
CA PHE C 208 38.49 -17.25 16.87
C PHE C 208 38.80 -17.40 15.37
N PRO C 209 39.96 -16.94 14.91
CA PRO C 209 40.24 -16.85 13.49
C PRO C 209 40.76 -18.16 12.82
N GLY C 210 39.95 -19.22 12.84
CA GLY C 210 40.33 -20.49 12.23
C GLY C 210 40.41 -20.38 10.71
N ASP C 211 41.08 -21.37 10.12
CA ASP C 211 41.03 -21.62 8.66
C ASP C 211 40.47 -23.01 8.30
N SER C 212 39.82 -23.69 9.25
CA SER C 212 39.02 -24.86 8.92
C SER C 212 38.00 -25.11 10.02
N GLU C 213 37.11 -26.06 9.77
CA GLU C 213 36.10 -26.43 10.74
C GLU C 213 36.72 -26.94 12.03
N ILE C 214 37.67 -27.84 11.91
CA ILE C 214 38.25 -28.43 13.11
C ILE C 214 39.11 -27.38 13.83
N ASP C 215 39.95 -26.65 13.10
CA ASP C 215 40.75 -25.57 13.68
C ASP C 215 39.84 -24.53 14.43
N GLN C 216 38.73 -24.14 13.82
CA GLN C 216 37.81 -23.12 14.40
C GLN C 216 37.24 -23.59 15.73
N LEU C 217 36.93 -24.88 15.74
CA LEU C 217 36.33 -25.54 16.85
C LEU C 217 37.38 -25.74 17.96
N PHE C 218 38.58 -26.19 17.63
CA PHE C 218 39.62 -26.27 18.65
C PHE C 218 39.95 -24.88 19.22
N ARG C 219 39.99 -23.85 18.39
CA ARG C 219 40.30 -22.50 18.88
C ARG C 219 39.32 -22.01 19.99
N ILE C 220 38.06 -22.41 19.82
CA ILE C 220 36.97 -22.13 20.75
C ILE C 220 37.13 -22.92 22.01
N PHE C 221 37.41 -24.20 21.87
CA PHE C 221 37.69 -25.04 23.00
C PHE C 221 38.85 -24.47 23.78
N ARG C 222 39.91 -24.00 23.13
CA ARG C 222 41.08 -23.51 23.86
C ARG C 222 40.81 -22.27 24.70
N THR C 223 39.71 -21.56 24.43
CA THR C 223 39.37 -20.33 25.14
C THR C 223 38.17 -20.44 26.08
N LEU C 224 37.14 -21.17 25.67
CA LEU C 224 36.04 -21.49 26.56
C LEU C 224 36.16 -22.84 27.23
N GLY C 225 37.09 -23.69 26.80
CA GLY C 225 37.26 -25.04 27.37
C GLY C 225 36.44 -26.03 26.59
N THR C 226 36.78 -27.30 26.64
CA THR C 226 36.06 -28.29 25.85
C THR C 226 34.76 -28.63 26.54
N PRO C 227 33.61 -28.44 25.86
CA PRO C 227 32.33 -28.67 26.53
C PRO C 227 32.10 -30.17 26.75
N ASP C 228 31.53 -30.51 27.89
CA ASP C 228 31.15 -31.89 28.18
C ASP C 228 29.66 -31.90 28.49
N GLU C 229 29.12 -33.02 28.94
CA GLU C 229 27.68 -33.12 29.20
C GLU C 229 27.15 -32.16 30.30
N VAL C 230 27.99 -31.74 31.25
CA VAL C 230 27.60 -30.77 32.32
C VAL C 230 27.26 -29.37 31.78
N VAL C 231 28.19 -28.74 31.03
CA VAL C 231 27.95 -27.37 30.54
C VAL C 231 27.04 -27.37 29.31
N TRP C 232 26.93 -28.52 28.64
CA TRP C 232 26.16 -28.62 27.39
C TRP C 232 25.54 -30.01 27.20
N PRO C 233 24.35 -30.21 27.80
CA PRO C 233 23.65 -31.48 27.66
C PRO C 233 23.25 -31.74 26.23
N GLY C 234 23.62 -32.90 25.73
CA GLY C 234 23.43 -33.28 24.34
C GLY C 234 24.75 -33.33 23.62
N VAL C 235 25.75 -32.59 24.10
CA VAL C 235 26.88 -32.23 23.24
C VAL C 235 27.67 -33.40 22.68
N THR C 236 27.87 -34.43 23.49
CA THR C 236 28.75 -35.53 23.11
C THR C 236 28.07 -36.49 22.17
N SER C 237 26.79 -36.31 21.87
CA SER C 237 26.16 -37.10 20.80
C SER C 237 25.65 -36.20 19.66
N MET C 238 26.32 -35.09 19.41
CA MET C 238 26.01 -34.28 18.24
C MET C 238 26.78 -34.83 17.07
N PRO C 239 26.24 -34.69 15.85
CA PRO C 239 26.76 -35.44 14.71
C PRO C 239 28.27 -35.40 14.44
N ASP C 240 28.91 -34.23 14.58
CA ASP C 240 30.35 -34.04 14.34
C ASP C 240 31.20 -33.92 15.61
N TYR C 241 30.66 -34.34 16.75
CA TYR C 241 31.47 -34.50 17.95
C TYR C 241 32.34 -35.75 17.81
N LYS C 242 33.54 -35.72 18.39
CA LYS C 242 34.44 -36.86 18.42
C LYS C 242 34.84 -37.03 19.86
N PRO C 243 34.73 -38.23 20.40
CA PRO C 243 35.26 -38.40 21.77
C PRO C 243 36.78 -38.24 21.85
N SER C 244 37.46 -38.28 20.70
CA SER C 244 38.87 -38.02 20.58
C SER C 244 39.26 -36.54 20.58
N PHE C 245 38.32 -35.62 20.80
CA PHE C 245 38.65 -34.19 21.00
C PHE C 245 39.53 -33.99 22.23
N PRO C 246 40.51 -33.07 22.18
CA PRO C 246 41.23 -32.74 23.40
C PRO C 246 40.36 -32.00 24.37
N LYS C 247 40.76 -32.04 25.64
CA LYS C 247 40.05 -31.39 26.73
C LYS C 247 40.90 -30.28 27.25
N TRP C 248 40.62 -29.07 26.81
CA TRP C 248 41.29 -27.90 27.30
C TRP C 248 40.46 -27.30 28.39
N ALA C 249 41.15 -26.58 29.27
CA ALA C 249 40.55 -25.91 30.39
C ALA C 249 40.10 -24.57 29.91
N ARG C 250 38.97 -24.15 30.44
CA ARG C 250 38.45 -22.82 30.22
C ARG C 250 39.43 -21.79 30.72
N GLN C 251 39.68 -20.78 29.92
CA GLN C 251 40.53 -19.68 30.32
C GLN C 251 39.68 -18.54 30.87
N ASP C 252 40.15 -17.99 32.01
CA ASP C 252 39.57 -16.81 32.64
C ASP C 252 39.45 -15.72 31.63
N PHE C 253 38.27 -15.13 31.55
CA PHE C 253 38.03 -14.00 30.67
C PHE C 253 38.80 -12.70 30.89
N SER C 254 39.51 -12.54 32.02
CA SER C 254 40.37 -11.38 32.19
C SER C 254 41.52 -11.42 31.18
N LYS C 255 41.97 -12.63 30.82
CA LYS C 255 43.02 -12.79 29.82
C LYS C 255 42.50 -12.72 28.36
N VAL C 256 41.25 -13.14 28.12
CA VAL C 256 40.65 -13.13 26.77
C VAL C 256 40.42 -11.72 26.22
N VAL C 257 40.01 -10.81 27.10
CA VAL C 257 39.68 -9.43 26.75
C VAL C 257 40.11 -8.49 27.88
N PRO C 258 41.42 -8.24 27.99
CA PRO C 258 41.91 -7.43 29.09
C PRO C 258 41.34 -6.02 29.31
N PRO C 259 40.98 -5.29 28.23
CA PRO C 259 40.38 -4.00 28.58
C PRO C 259 39.08 -4.12 29.33
N LEU C 260 38.37 -5.26 29.21
CA LEU C 260 36.95 -5.35 29.59
C LEU C 260 36.61 -5.32 31.10
N ASP C 261 35.61 -4.51 31.48
CA ASP C 261 35.23 -4.35 32.89
C ASP C 261 34.30 -5.45 33.39
N GLU C 262 34.17 -5.53 34.70
CA GLU C 262 33.52 -6.65 35.40
C GLU C 262 32.20 -7.07 34.67
N ASP C 263 31.44 -6.07 34.22
CA ASP C 263 30.17 -6.26 33.47
C ASP C 263 30.28 -6.68 32.00
N GLY C 264 31.07 -5.97 31.20
CA GLY C 264 31.36 -6.41 29.84
C GLY C 264 31.75 -7.87 29.75
N ARG C 265 32.59 -8.33 30.70
CA ARG C 265 33.00 -9.73 30.76
C ARG C 265 31.79 -10.66 30.94
N SER C 266 30.86 -10.25 31.80
CA SER C 266 29.66 -11.04 32.07
C SER C 266 28.82 -11.18 30.79
N LEU C 267 28.54 -10.03 30.18
CA LEU C 267 27.75 -10.02 28.98
C LEU C 267 28.39 -10.92 27.96
N LEU C 268 29.68 -10.69 27.69
CA LEU C 268 30.39 -11.45 26.68
C LEU C 268 30.36 -12.96 26.95
N SER C 269 30.50 -13.36 28.21
CA SER C 269 30.42 -14.78 28.53
C SER C 269 29.01 -15.32 28.25
N GLN C 270 27.97 -14.51 28.45
CA GLN C 270 26.62 -15.01 28.20
C GLN C 270 26.35 -15.13 26.72
N MET C 271 26.98 -14.28 25.93
CA MET C 271 26.88 -14.36 24.47
C MET C 271 27.59 -15.62 23.94
N LEU C 272 28.72 -15.97 24.55
CA LEU C 272 29.43 -17.18 24.18
C LEU C 272 29.19 -18.41 25.14
N HIS C 273 28.03 -18.54 25.79
CA HIS C 273 27.69 -19.81 26.46
C HIS C 273 27.64 -20.86 25.36
N TYR C 274 28.13 -22.04 25.65
CA TYR C 274 28.07 -23.09 24.66
C TYR C 274 26.65 -23.51 24.28
N ASP C 275 25.82 -23.80 25.28
CA ASP C 275 24.45 -24.30 25.04
C ASP C 275 23.59 -23.22 24.37
N PRO C 276 22.92 -23.51 23.24
CA PRO C 276 22.12 -22.41 22.68
C PRO C 276 20.90 -22.01 23.54
N ASN C 277 20.37 -22.89 24.39
CA ASN C 277 19.21 -22.51 25.23
C ASN C 277 19.53 -21.59 26.38
N LYS C 278 20.75 -21.65 26.90
CA LYS C 278 21.16 -20.76 27.97
C LYS C 278 21.84 -19.50 27.39
N ARG C 279 22.19 -19.53 26.12
CA ARG C 279 22.92 -18.41 25.56
C ARG C 279 21.95 -17.23 25.52
N ILE C 280 22.45 -16.08 25.92
CA ILE C 280 21.61 -14.90 26.05
C ILE C 280 20.97 -14.54 24.70
N SER C 281 19.76 -14.00 24.79
CA SER C 281 18.98 -13.63 23.65
C SER C 281 19.27 -12.18 23.47
N ALA C 282 19.09 -11.65 22.27
CA ALA C 282 19.27 -10.21 22.04
C ALA C 282 18.37 -9.38 22.95
N LYS C 283 17.12 -9.78 23.07
CA LYS C 283 16.23 -9.08 23.95
C LYS C 283 16.76 -8.97 25.38
N ALA C 284 17.20 -10.07 25.96
CA ALA C 284 17.72 -10.06 27.36
C ALA C 284 19.01 -9.23 27.58
N ALA C 285 19.88 -9.25 26.57
CA ALA C 285 21.16 -8.59 26.59
C ALA C 285 21.01 -7.11 26.73
N LEU C 286 19.98 -6.51 26.14
CA LEU C 286 19.79 -5.05 26.19
C LEU C 286 19.59 -4.55 27.61
N ALA C 287 19.12 -5.44 28.46
CA ALA C 287 18.87 -5.13 29.84
C ALA C 287 20.07 -5.28 30.77
N HIS C 288 21.18 -5.78 30.22
CA HIS C 288 22.35 -6.19 31.00
C HIS C 288 23.06 -4.97 31.65
N PRO C 289 23.54 -5.09 32.91
CA PRO C 289 24.15 -3.92 33.60
C PRO C 289 25.18 -3.11 32.82
N PHE C 290 25.98 -3.80 32.00
CA PHE C 290 27.00 -3.21 31.11
C PHE C 290 26.50 -1.96 30.41
N PHE C 291 25.23 -2.01 29.98
CA PHE C 291 24.60 -0.92 29.27
C PHE C 291 23.92 0.14 30.15
N GLN C 292 24.01 0.08 31.49
CA GLN C 292 23.17 1.02 32.30
C GLN C 292 23.55 2.48 32.04
N ASP C 293 24.81 2.74 31.69
CA ASP C 293 25.29 4.09 31.33
C ASP C 293 25.58 4.34 29.82
N VAL C 294 25.00 3.54 28.93
CA VAL C 294 25.30 3.67 27.49
C VAL C 294 24.94 5.04 26.93
N THR C 295 25.71 5.49 25.95
CA THR C 295 25.42 6.73 25.28
C THR C 295 25.67 6.50 23.79
N LYS C 296 25.91 7.58 23.05
CA LYS C 296 26.04 7.49 21.61
C LYS C 296 27.11 8.45 21.12
N PRO C 297 28.40 8.10 21.32
CA PRO C 297 29.49 8.96 20.88
C PRO C 297 29.70 8.84 19.40
N VAL C 298 30.49 9.79 18.89
CA VAL C 298 30.81 9.89 17.48
C VAL C 298 32.18 9.27 17.20
N PRO C 299 32.31 8.61 16.03
CA PRO C 299 33.55 8.01 15.56
C PRO C 299 34.50 9.01 14.90
N HIS C 300 35.78 8.67 14.96
CA HIS C 300 36.87 9.64 14.78
C HIS C 300 38.04 8.88 14.24
N LEU C 301 38.58 9.26 13.07
CA LEU C 301 39.78 8.58 12.45
C LEU C 301 39.54 7.04 12.20
N VAL D 3 12.06 -21.20 20.33
CA VAL D 3 12.93 -20.21 21.06
C VAL D 3 12.11 -19.30 22.04
N PRO D 4 11.40 -19.93 23.07
CA PRO D 4 10.38 -19.28 24.01
C PRO D 4 10.45 -17.72 24.40
N ASP D 5 11.69 -17.19 24.36
CA ASP D 5 12.02 -15.75 24.28
C ASP D 5 11.30 -14.95 23.18
N TYR D 6 11.13 -15.54 21.99
CA TYR D 6 10.44 -14.90 20.88
C TYR D 6 9.16 -15.62 20.38
N HIS D 7 8.69 -16.67 21.07
CA HIS D 7 7.39 -17.31 20.76
C HIS D 7 6.23 -16.32 20.64
N GLU D 8 6.15 -15.41 21.60
CA GLU D 8 5.03 -14.48 21.76
C GLU D 8 5.15 -13.36 20.77
N ASP D 9 6.32 -12.71 20.70
CA ASP D 9 6.51 -11.66 19.67
C ASP D 9 6.22 -12.14 18.25
N ILE D 10 6.60 -13.38 17.95
CA ILE D 10 6.42 -13.96 16.61
C ILE D 10 4.97 -14.33 16.40
N HIS D 11 4.34 -14.95 17.40
CA HIS D 11 2.91 -15.22 17.30
C HIS D 11 2.15 -13.95 17.01
N THR D 12 2.35 -12.95 17.89
CA THR D 12 1.80 -11.61 17.74
C THR D 12 2.03 -11.01 16.36
N TYR D 13 3.23 -11.18 15.83
CA TYR D 13 3.57 -10.60 14.55
C TYR D 13 2.95 -11.38 13.40
N LEU D 14 2.84 -12.70 13.48
CA LEU D 14 2.23 -13.43 12.36
C LEU D 14 0.74 -13.24 12.34
N ARG D 15 0.18 -12.81 13.47
CA ARG D 15 -1.24 -12.43 13.57
C ARG D 15 -1.54 -11.05 13.01
N GLU D 16 -0.61 -10.11 13.19
CA GLU D 16 -0.63 -8.82 12.43
C GLU D 16 -0.53 -9.08 10.96
N MET D 17 0.35 -9.99 10.57
CA MET D 17 0.69 -10.16 9.17
C MET D 17 -0.34 -10.91 8.35
N GLU D 18 -1.09 -11.84 8.94
CA GLU D 18 -2.03 -12.61 8.15
C GLU D 18 -3.19 -11.76 7.71
N VAL D 19 -3.53 -10.80 8.55
CA VAL D 19 -4.48 -9.77 8.23
C VAL D 19 -4.06 -8.90 7.03
N LYS D 20 -2.77 -8.69 6.80
CA LYS D 20 -2.27 -7.82 5.72
C LYS D 20 -1.95 -8.50 4.36
N CYS D 21 -1.60 -9.78 4.37
CA CYS D 21 -1.44 -10.51 3.10
C CYS D 21 -2.74 -11.19 2.71
N LYS D 22 -3.87 -10.62 3.08
CA LYS D 22 -5.13 -11.32 2.89
C LYS D 22 -5.56 -11.08 1.44
N PRO D 23 -5.81 -12.14 0.67
CA PRO D 23 -6.41 -11.93 -0.65
C PRO D 23 -7.87 -11.54 -0.51
N LYS D 24 -8.45 -10.93 -1.56
CA LYS D 24 -9.84 -10.55 -1.45
C LYS D 24 -10.66 -11.81 -1.62
N VAL D 25 -11.57 -12.07 -0.68
CA VAL D 25 -12.44 -13.25 -0.70
C VAL D 25 -13.24 -13.37 -2.01
N GLY D 26 -13.75 -12.24 -2.48
CA GLY D 26 -14.60 -12.20 -3.66
C GLY D 26 -13.90 -12.44 -4.99
N TYR D 27 -12.58 -12.54 -4.99
CA TYR D 27 -11.83 -12.38 -6.24
C TYR D 27 -12.34 -13.26 -7.34
N MET D 28 -12.72 -14.46 -6.98
CA MET D 28 -13.11 -15.43 -7.96
C MET D 28 -14.32 -14.94 -8.77
N LYS D 29 -15.36 -14.48 -8.08
CA LYS D 29 -16.50 -13.74 -8.70
C LYS D 29 -16.15 -12.65 -9.76
N LYS D 30 -15.08 -11.89 -9.54
CA LYS D 30 -14.57 -10.89 -10.50
C LYS D 30 -13.74 -11.44 -11.69
N GLN D 31 -13.21 -12.66 -11.60
CA GLN D 31 -12.45 -13.23 -12.70
C GLN D 31 -13.36 -13.61 -13.88
N PRO D 32 -13.13 -13.03 -15.07
CA PRO D 32 -14.02 -13.39 -16.19
C PRO D 32 -13.94 -14.85 -16.64
N ASP D 33 -12.74 -15.42 -16.71
CA ASP D 33 -12.55 -16.71 -17.33
C ASP D 33 -12.35 -17.93 -16.40
N ILE D 34 -11.84 -17.75 -15.18
CA ILE D 34 -11.51 -18.91 -14.33
C ILE D 34 -12.53 -19.13 -13.23
N THR D 35 -12.44 -20.27 -12.54
CA THR D 35 -13.44 -20.70 -11.56
C THR D 35 -12.79 -21.35 -10.36
N ASN D 36 -13.54 -21.53 -9.28
CA ASN D 36 -13.05 -22.26 -8.09
C ASN D 36 -12.57 -23.68 -8.44
N SER D 37 -13.17 -24.35 -9.42
CA SER D 37 -12.75 -25.69 -9.83
C SER D 37 -11.63 -25.72 -10.90
N MET D 38 -11.27 -24.60 -11.52
CA MET D 38 -9.97 -24.51 -12.24
C MET D 38 -8.86 -24.37 -11.19
N ARG D 39 -9.12 -23.55 -10.18
CA ARG D 39 -8.19 -23.32 -9.11
C ARG D 39 -7.92 -24.59 -8.33
N ALA D 40 -8.95 -25.43 -8.17
CA ALA D 40 -8.77 -26.70 -7.48
C ALA D 40 -7.83 -27.58 -8.26
N ILE D 41 -8.08 -27.75 -9.55
CA ILE D 41 -7.17 -28.54 -10.41
C ILE D 41 -5.73 -28.09 -10.19
N LEU D 42 -5.53 -26.78 -10.27
CA LEU D 42 -4.23 -26.15 -10.10
C LEU D 42 -3.62 -26.41 -8.74
N VAL D 43 -4.39 -26.28 -7.68
CA VAL D 43 -3.82 -26.51 -6.36
C VAL D 43 -3.54 -27.98 -6.13
N ASP D 44 -4.35 -28.83 -6.72
CA ASP D 44 -4.11 -30.25 -6.60
C ASP D 44 -2.89 -30.60 -7.38
N TRP D 45 -2.66 -29.93 -8.49
CA TRP D 45 -1.51 -30.27 -9.29
C TRP D 45 -0.21 -29.86 -8.65
N LEU D 46 -0.24 -28.77 -7.91
CA LEU D 46 0.95 -28.31 -7.22
C LEU D 46 1.39 -29.29 -6.16
N VAL D 47 0.42 -29.87 -5.48
CA VAL D 47 0.70 -30.87 -4.46
C VAL D 47 1.41 -32.04 -5.06
N GLU D 48 0.96 -32.49 -6.22
CA GLU D 48 1.65 -33.55 -6.92
C GLU D 48 3.05 -33.12 -7.30
N VAL D 49 3.25 -31.89 -7.73
CA VAL D 49 4.63 -31.42 -7.96
C VAL D 49 5.47 -31.48 -6.67
N GLY D 50 4.90 -31.05 -5.55
CA GLY D 50 5.59 -31.06 -4.26
C GLY D 50 6.02 -32.44 -3.83
N GLU D 51 5.27 -33.47 -4.24
CA GLU D 51 5.67 -34.87 -4.07
C GLU D 51 6.85 -35.25 -4.92
N GLU D 52 6.72 -35.03 -6.23
CA GLU D 52 7.75 -35.39 -7.20
C GLU D 52 9.10 -34.76 -6.86
N TYR D 53 9.14 -33.61 -6.18
CA TYR D 53 10.42 -33.01 -5.77
C TYR D 53 10.65 -32.94 -4.25
N LYS D 54 9.89 -33.73 -3.48
CA LYS D 54 9.91 -33.75 -2.01
C LYS D 54 10.04 -32.36 -1.39
N LEU D 55 9.22 -31.45 -1.88
CA LEU D 55 9.17 -30.08 -1.38
C LEU D 55 8.46 -30.04 -0.04
N GLN D 56 8.71 -28.98 0.71
CA GLN D 56 8.25 -28.87 2.07
C GLN D 56 6.76 -28.49 2.06
N ASN D 57 6.06 -28.82 3.14
CA ASN D 57 4.68 -28.45 3.32
C ASN D 57 4.57 -26.94 3.06
N GLU D 58 5.44 -26.20 3.74
CA GLU D 58 5.40 -24.74 3.66
C GLU D 58 5.39 -24.18 2.22
N THR D 59 6.16 -24.82 1.35
CA THR D 59 6.33 -24.32 0.03
C THR D 59 4.99 -24.29 -0.66
N LEU D 60 4.28 -25.41 -0.58
CA LEU D 60 2.91 -25.56 -1.13
C LEU D 60 1.95 -24.47 -0.63
N HIS D 61 1.96 -24.24 0.68
CA HIS D 61 1.08 -23.28 1.33
C HIS D 61 1.41 -21.84 0.95
N LEU D 62 2.69 -21.52 0.77
CA LEU D 62 3.06 -20.19 0.32
C LEU D 62 2.70 -20.04 -1.13
N ALA D 63 2.92 -21.08 -1.92
CA ALA D 63 2.57 -21.01 -3.35
C ALA D 63 1.12 -20.64 -3.56
N VAL D 64 0.25 -21.18 -2.71
CA VAL D 64 -1.19 -20.93 -2.80
C VAL D 64 -1.45 -19.52 -2.30
N ASN D 65 -0.79 -19.07 -1.25
CA ASN D 65 -1.01 -17.70 -0.79
C ASN D 65 -0.63 -16.72 -1.91
N TYR D 66 0.48 -16.94 -2.59
CA TYR D 66 0.90 -16.10 -3.71
C TYR D 66 -0.13 -16.12 -4.87
N ILE D 67 -0.67 -17.28 -5.21
CA ILE D 67 -1.63 -17.40 -6.32
C ILE D 67 -2.92 -16.62 -5.99
N ASP D 68 -3.49 -16.83 -4.82
CA ASP D 68 -4.69 -16.06 -4.38
C ASP D 68 -4.49 -14.53 -4.32
N ARG D 69 -3.33 -14.05 -3.92
CA ARG D 69 -3.04 -12.61 -4.01
C ARG D 69 -2.86 -12.13 -5.43
N PHE D 70 -2.22 -12.96 -6.23
CA PHE D 70 -2.02 -12.62 -7.61
C PHE D 70 -3.36 -12.46 -8.28
N LEU D 71 -4.20 -13.46 -8.14
CA LEU D 71 -5.48 -13.42 -8.79
C LEU D 71 -6.40 -12.40 -8.12
N SER D 72 -6.08 -11.93 -6.92
CA SER D 72 -6.87 -10.87 -6.30
C SER D 72 -6.88 -9.57 -7.07
N SER D 73 -5.81 -9.26 -7.78
CA SER D 73 -5.70 -8.00 -8.53
C SER D 73 -5.50 -8.18 -10.03
N MET D 74 -5.44 -9.41 -10.54
CA MET D 74 -5.07 -9.61 -11.95
C MET D 74 -5.94 -10.68 -12.57
N SER D 75 -6.61 -10.35 -13.67
CA SER D 75 -7.39 -11.34 -14.37
C SER D 75 -6.45 -12.24 -15.09
N VAL D 76 -6.78 -13.52 -15.11
CA VAL D 76 -5.99 -14.55 -15.79
C VAL D 76 -6.91 -15.47 -16.59
N LEU D 77 -6.60 -15.69 -17.88
CA LEU D 77 -7.30 -16.70 -18.69
C LEU D 77 -6.97 -18.10 -18.26
N ARG D 78 -7.85 -19.03 -18.59
CA ARG D 78 -7.66 -20.47 -18.31
C ARG D 78 -6.32 -20.99 -18.84
N GLY D 79 -5.95 -20.55 -20.05
CA GLY D 79 -4.69 -20.94 -20.64
C GLY D 79 -3.45 -20.61 -19.81
N LYS D 80 -3.51 -19.60 -18.94
CA LYS D 80 -2.36 -19.20 -18.18
C LYS D 80 -2.48 -19.49 -16.70
N LEU D 81 -3.63 -19.98 -16.23
CA LEU D 81 -3.77 -20.23 -14.81
C LEU D 81 -2.64 -21.12 -14.25
N GLN D 82 -2.26 -22.14 -15.01
CA GLN D 82 -1.21 -23.01 -14.59
C GLN D 82 0.17 -22.33 -14.60
N LEU D 83 0.42 -21.44 -15.57
CA LEU D 83 1.66 -20.65 -15.60
C LEU D 83 1.79 -19.82 -14.33
N VAL D 84 0.69 -19.17 -13.93
CA VAL D 84 0.66 -18.47 -12.67
C VAL D 84 1.04 -19.43 -11.55
N GLY D 85 0.37 -20.57 -11.47
CA GLY D 85 0.76 -21.56 -10.46
C GLY D 85 2.22 -21.99 -10.43
N THR D 86 2.76 -22.26 -11.62
CA THR D 86 4.13 -22.75 -11.73
C THR D 86 5.07 -21.67 -11.18
N ALA D 87 5.00 -20.47 -11.73
CA ALA D 87 5.84 -19.36 -11.29
C ALA D 87 5.78 -19.07 -9.77
N ALA D 88 4.58 -19.21 -9.20
CA ALA D 88 4.36 -19.04 -7.76
C ALA D 88 5.06 -20.09 -6.90
N MET D 89 4.95 -21.35 -7.36
CA MET D 89 5.65 -22.51 -6.78
C MET D 89 7.15 -22.40 -6.93
N LEU D 90 7.63 -21.82 -8.02
CA LEU D 90 9.08 -21.59 -8.16
C LEU D 90 9.57 -20.63 -7.07
N LEU D 91 8.93 -19.46 -6.98
CA LEU D 91 9.19 -18.43 -5.97
C LEU D 91 9.09 -18.95 -4.57
N ALA D 92 7.99 -19.62 -4.25
CA ALA D 92 7.90 -20.23 -2.93
C ALA D 92 9.11 -21.13 -2.61
N SER D 93 9.51 -21.96 -3.56
CA SER D 93 10.67 -22.82 -3.40
C SER D 93 11.95 -22.04 -3.19
N LYS D 94 12.16 -21.02 -3.99
CA LYS D 94 13.32 -20.19 -3.82
C LYS D 94 13.30 -19.52 -2.45
N PHE D 95 12.15 -19.00 -2.03
CA PHE D 95 12.04 -18.41 -0.71
C PHE D 95 12.28 -19.43 0.40
N GLU D 96 11.71 -20.62 0.30
CA GLU D 96 11.60 -21.52 1.45
C GLU D 96 12.53 -22.73 1.53
N GLU D 97 12.93 -23.30 0.39
CA GLU D 97 13.65 -24.58 0.32
C GLU D 97 15.14 -24.42 0.42
N ILE D 98 15.80 -25.41 1.00
CA ILE D 98 17.26 -25.40 1.04
C ILE D 98 17.82 -25.58 -0.36
N TYR D 99 17.37 -26.64 -1.04
CA TYR D 99 17.72 -26.93 -2.44
C TYR D 99 16.41 -26.78 -3.26
N PRO D 100 16.20 -25.56 -3.80
CA PRO D 100 15.07 -25.42 -4.69
C PRO D 100 15.38 -26.08 -6.02
N PRO D 101 14.40 -26.74 -6.63
CA PRO D 101 14.50 -27.26 -7.99
C PRO D 101 14.84 -26.22 -9.02
N GLU D 102 15.69 -26.60 -9.96
CA GLU D 102 16.02 -25.76 -11.10
C GLU D 102 14.76 -25.37 -11.88
N VAL D 103 14.84 -24.26 -12.61
CA VAL D 103 13.70 -23.79 -13.39
C VAL D 103 13.27 -24.83 -14.40
N ALA D 104 14.27 -25.51 -14.99
CA ALA D 104 14.02 -26.56 -15.97
C ALA D 104 13.07 -27.63 -15.45
N GLU D 105 13.11 -27.92 -14.14
CA GLU D 105 12.29 -29.00 -13.57
C GLU D 105 10.83 -28.67 -13.50
N PHE D 106 10.52 -27.39 -13.26
CA PHE D 106 9.15 -26.86 -13.34
C PHE D 106 8.62 -26.81 -14.78
N VAL D 107 9.46 -26.40 -15.73
CA VAL D 107 9.11 -26.51 -17.15
C VAL D 107 8.82 -27.97 -17.53
N TYR D 108 9.62 -28.92 -17.04
CA TYR D 108 9.41 -30.34 -17.38
C TYR D 108 8.07 -30.85 -16.87
N ILE D 109 7.65 -30.44 -15.67
CA ILE D 109 6.36 -30.92 -15.15
C ILE D 109 5.09 -30.19 -15.66
N THR D 110 5.20 -29.14 -16.50
CA THR D 110 4.01 -28.63 -17.27
C THR D 110 3.79 -29.30 -18.65
N ASP D 111 4.57 -30.36 -18.97
CA ASP D 111 4.56 -31.04 -20.31
C ASP D 111 4.85 -30.10 -21.50
N ASP D 112 5.73 -29.13 -21.24
CA ASP D 112 6.13 -28.16 -22.24
C ASP D 112 4.92 -27.45 -22.89
N THR D 113 3.84 -27.29 -22.13
CA THR D 113 2.73 -26.42 -22.51
C THR D 113 3.21 -24.98 -22.28
N TYR D 114 4.30 -24.76 -21.53
CA TYR D 114 4.93 -23.44 -21.42
C TYR D 114 6.43 -23.50 -21.63
N THR D 115 6.96 -22.42 -22.18
CA THR D 115 8.39 -22.29 -22.39
C THR D 115 9.08 -21.88 -21.11
N LYS D 116 10.38 -22.17 -21.01
CA LYS D 116 11.15 -21.66 -19.90
C LYS D 116 11.11 -20.14 -19.85
N LYS D 117 11.26 -19.52 -21.01
CA LYS D 117 11.19 -18.09 -21.11
C LYS D 117 9.92 -17.51 -20.51
N GLN D 118 8.79 -18.18 -20.69
CA GLN D 118 7.53 -17.77 -20.05
C GLN D 118 7.58 -17.88 -18.55
N VAL D 119 8.03 -19.01 -18.04
CA VAL D 119 7.97 -19.21 -16.58
C VAL D 119 8.74 -18.11 -15.86
N LEU D 120 9.85 -17.67 -16.44
CA LEU D 120 10.65 -16.61 -15.83
C LEU D 120 10.03 -15.25 -15.90
N ARG D 121 9.41 -14.92 -17.02
CA ARG D 121 8.65 -13.67 -17.16
C ARG D 121 7.49 -13.57 -16.19
N MET D 122 6.83 -14.70 -15.93
CA MET D 122 5.72 -14.75 -15.02
C MET D 122 6.22 -14.59 -13.62
N GLU D 123 7.37 -15.16 -13.32
CA GLU D 123 7.94 -15.00 -12.00
C GLU D 123 8.22 -13.52 -11.70
N HIS D 124 8.70 -12.82 -12.71
CA HIS D 124 9.01 -11.40 -12.60
C HIS D 124 7.78 -10.62 -12.35
N LEU D 125 6.70 -11.03 -12.98
CA LEU D 125 5.41 -10.35 -12.86
C LEU D 125 4.74 -10.67 -11.53
N VAL D 126 4.72 -11.93 -11.13
CA VAL D 126 4.17 -12.31 -9.83
C VAL D 126 4.90 -11.56 -8.72
N LEU D 127 6.20 -11.34 -8.84
CA LEU D 127 6.91 -10.54 -7.86
C LEU D 127 6.48 -9.08 -7.94
N LYS D 128 6.30 -8.53 -9.15
CA LYS D 128 5.92 -7.13 -9.29
C LYS D 128 4.57 -6.85 -8.66
N VAL D 129 3.58 -7.70 -8.93
CA VAL D 129 2.23 -7.62 -8.33
C VAL D 129 2.22 -7.89 -6.84
N LEU D 130 2.95 -8.89 -6.36
CA LEU D 130 3.04 -9.07 -4.93
C LEU D 130 3.97 -8.09 -4.27
N THR D 131 4.55 -7.17 -5.04
CA THR D 131 5.45 -6.10 -4.53
C THR D 131 6.53 -6.69 -3.62
N PHE D 132 7.10 -7.78 -4.10
CA PHE D 132 8.06 -8.55 -3.37
C PHE D 132 7.73 -9.06 -1.98
N ASP D 133 6.48 -8.97 -1.55
CA ASP D 133 6.10 -9.37 -0.16
C ASP D 133 5.70 -10.85 -0.05
N LEU D 134 6.72 -11.69 0.06
CA LEU D 134 6.62 -13.14 -0.01
C LEU D 134 6.66 -13.87 1.33
N ALA D 135 6.82 -13.13 2.43
CA ALA D 135 6.99 -13.73 3.74
C ALA D 135 5.66 -13.90 4.43
N ALA D 136 4.78 -14.67 3.80
CA ALA D 136 3.37 -14.74 4.19
C ALA D 136 3.13 -15.79 5.26
N PRO D 137 2.34 -15.45 6.26
CA PRO D 137 1.77 -16.43 7.15
C PRO D 137 0.91 -17.48 6.43
N THR D 138 0.98 -18.70 6.96
CA THR D 138 0.27 -19.83 6.37
C THR D 138 -0.36 -20.69 7.45
N VAL D 139 -1.26 -21.55 7.00
CA VAL D 139 -1.93 -22.45 7.91
C VAL D 139 -0.89 -23.32 8.60
N ASN D 140 0.09 -23.72 7.81
CA ASN D 140 1.21 -24.49 8.31
C ASN D 140 2.04 -23.81 9.45
N GLN D 141 2.29 -22.53 9.40
CA GLN D 141 3.05 -21.87 10.47
C GLN D 141 2.28 -21.74 11.75
N PHE D 142 0.97 -21.77 11.62
CA PHE D 142 0.20 -21.76 12.82
C PHE D 142 0.12 -23.19 13.37
N LEU D 143 -0.18 -24.20 12.55
CA LEU D 143 -0.29 -25.61 13.01
C LEU D 143 0.93 -25.97 13.83
N THR D 144 2.08 -25.85 13.18
CA THR D 144 3.38 -26.06 13.79
C THR D 144 3.58 -25.41 15.16
N GLN D 145 3.14 -24.17 15.32
CA GLN D 145 3.16 -23.53 16.64
C GLN D 145 2.22 -24.22 17.60
N TYR D 146 1.00 -24.46 17.12
CA TYR D 146 -0.05 -25.12 17.89
C TYR D 146 0.41 -26.51 18.41
N PHE D 147 1.14 -27.27 17.60
CA PHE D 147 1.58 -28.62 17.98
C PHE D 147 2.37 -28.71 19.29
N LEU D 148 2.97 -27.61 19.73
CA LEU D 148 3.70 -27.59 20.98
C LEU D 148 2.81 -27.54 22.23
N HIS D 149 1.51 -27.29 22.08
CA HIS D 149 0.55 -27.28 23.21
C HIS D 149 -0.21 -28.60 23.34
N GLN D 150 0.43 -29.68 22.90
CA GLN D 150 -0.15 -30.99 22.73
C GLN D 150 0.66 -31.90 23.63
N GLN D 151 0.00 -32.50 24.65
CA GLN D 151 0.69 -33.38 25.62
C GLN D 151 -0.06 -34.73 25.89
N PRO D 152 0.57 -35.87 25.58
CA PRO D 152 1.86 -35.94 24.87
C PRO D 152 1.73 -35.55 23.38
N ALA D 153 2.87 -35.31 22.70
CA ALA D 153 2.91 -35.19 21.23
C ALA D 153 2.31 -36.45 20.59
N ASN D 154 1.73 -36.35 19.40
CA ASN D 154 1.08 -37.51 18.76
C ASN D 154 1.24 -37.42 17.23
N CYS D 155 2.10 -38.27 16.68
CA CYS D 155 2.47 -38.20 15.26
C CYS D 155 1.23 -38.28 14.39
N LYS D 156 0.30 -39.17 14.75
CA LYS D 156 -0.99 -39.30 14.05
C LYS D 156 -1.80 -37.97 14.04
N VAL D 157 -1.92 -37.32 15.19
CA VAL D 157 -2.66 -36.01 15.28
C VAL D 157 -2.10 -34.91 14.36
N GLU D 158 -0.78 -34.78 14.37
CA GLU D 158 -0.11 -33.75 13.61
C GLU D 158 -0.28 -33.96 12.11
N SER D 159 -0.05 -35.19 11.64
CA SER D 159 -0.21 -35.50 10.22
C SER D 159 -1.63 -35.29 9.72
N LEU D 160 -2.62 -35.68 10.54
CA LEU D 160 -4.04 -35.45 10.24
C LEU D 160 -4.36 -33.95 10.25
N ALA D 161 -3.81 -33.24 11.23
CA ALA D 161 -3.96 -31.81 11.27
C ALA D 161 -3.41 -31.21 9.99
N MET D 162 -2.24 -31.66 9.56
CA MET D 162 -1.61 -31.16 8.34
C MET D 162 -2.51 -31.48 7.14
N PHE D 163 -3.05 -32.71 7.09
CA PHE D 163 -3.92 -33.19 6.00
C PHE D 163 -5.14 -32.28 5.76
N LEU D 164 -5.76 -31.84 6.86
CA LEU D 164 -6.96 -31.03 6.79
C LEU D 164 -6.60 -29.59 6.45
N GLY D 165 -5.44 -29.15 6.93
CA GLY D 165 -4.90 -27.85 6.55
C GLY D 165 -4.62 -27.79 5.06
N GLU D 166 -4.14 -28.90 4.50
CA GLU D 166 -3.78 -29.01 3.08
C GLU D 166 -5.03 -29.14 2.24
N LEU D 167 -6.01 -29.93 2.68
CA LEU D 167 -7.28 -30.02 1.94
C LEU D 167 -7.94 -28.65 1.82
N SER D 168 -7.81 -27.81 2.83
CA SER D 168 -8.37 -26.45 2.82
C SER D 168 -7.79 -25.56 1.70
N LEU D 169 -6.60 -25.85 1.20
CA LEU D 169 -6.06 -25.09 0.09
C LEU D 169 -6.78 -25.33 -1.23
N ILE D 170 -7.48 -26.45 -1.37
CA ILE D 170 -8.07 -26.83 -2.66
C ILE D 170 -9.33 -26.04 -2.98
N ASP D 171 -10.24 -25.96 -2.01
CA ASP D 171 -11.55 -25.36 -2.22
C ASP D 171 -11.51 -23.90 -1.79
N ALA D 172 -11.41 -22.99 -2.75
CA ALA D 172 -11.40 -21.56 -2.44
C ALA D 172 -12.67 -21.11 -1.76
N ASP D 173 -13.80 -21.69 -2.18
CA ASP D 173 -15.04 -21.53 -1.45
C ASP D 173 -15.22 -22.83 -0.71
N PRO D 174 -15.28 -22.85 0.63
CA PRO D 174 -15.40 -21.70 1.53
C PRO D 174 -14.12 -21.14 2.16
N TYR D 175 -12.96 -21.74 1.97
CA TYR D 175 -11.81 -21.51 2.87
C TYR D 175 -11.09 -20.18 2.72
N LEU D 176 -11.36 -19.45 1.66
CA LEU D 176 -10.75 -18.12 1.44
C LEU D 176 -11.17 -17.10 2.49
N LYS D 177 -12.38 -17.28 3.02
CA LYS D 177 -12.87 -16.37 4.02
C LYS D 177 -12.29 -16.55 5.42
N TYR D 178 -11.61 -17.65 5.70
CA TYR D 178 -11.09 -17.88 7.05
C TYR D 178 -9.65 -17.51 7.09
N LEU D 179 -9.19 -16.91 8.20
CA LEU D 179 -7.75 -16.56 8.32
C LEU D 179 -6.96 -17.85 8.44
N PRO D 180 -5.67 -17.86 8.10
CA PRO D 180 -4.93 -19.10 8.31
C PRO D 180 -4.80 -19.60 9.80
N SER D 181 -4.73 -18.69 10.77
CA SER D 181 -4.67 -19.07 12.19
C SER D 181 -5.90 -19.84 12.67
N VAL D 182 -6.99 -19.72 11.94
CA VAL D 182 -8.27 -20.31 12.26
C VAL D 182 -8.47 -21.61 11.56
N ILE D 183 -8.19 -21.63 10.27
CA ILE D 183 -8.12 -22.86 9.50
C ILE D 183 -7.17 -23.78 10.23
N ALA D 184 -6.09 -23.26 10.80
CA ALA D 184 -5.21 -24.10 11.62
C ALA D 184 -5.92 -24.61 12.87
N GLY D 185 -6.57 -23.70 13.60
CA GLY D 185 -7.29 -24.08 14.80
C GLY D 185 -8.24 -25.24 14.55
N ALA D 186 -9.06 -25.08 13.54
CA ALA D 186 -10.05 -26.08 13.18
C ALA D 186 -9.38 -27.39 12.84
N ALA D 187 -8.48 -27.36 11.87
CA ALA D 187 -7.74 -28.56 11.49
C ALA D 187 -7.16 -29.28 12.69
N PHE D 188 -6.53 -28.52 13.59
CA PHE D 188 -5.91 -29.10 14.77
C PHE D 188 -6.94 -29.79 15.66
N HIS D 189 -7.98 -29.06 16.03
CA HIS D 189 -9.03 -29.62 16.89
C HIS D 189 -9.77 -30.78 16.26
N LEU D 190 -10.04 -30.68 14.97
CA LEU D 190 -10.72 -31.76 14.24
C LEU D 190 -9.84 -33.01 14.20
N ALA D 191 -8.54 -32.82 14.04
CA ALA D 191 -7.57 -33.90 14.13
C ALA D 191 -7.50 -34.52 15.53
N LEU D 192 -7.49 -33.65 16.53
CA LEU D 192 -7.38 -34.08 17.92
C LEU D 192 -8.62 -34.91 18.37
N TYR D 193 -9.79 -34.49 17.90
CA TYR D 193 -11.07 -35.16 18.19
C TYR D 193 -11.15 -36.50 17.44
N THR D 194 -10.77 -36.50 16.15
CA THR D 194 -10.85 -37.72 15.30
C THR D 194 -9.98 -38.86 15.82
N VAL D 195 -8.81 -38.53 16.38
CA VAL D 195 -7.90 -39.53 16.93
C VAL D 195 -8.01 -39.73 18.44
N THR D 196 -7.60 -38.75 19.27
CA THR D 196 -7.63 -38.87 20.77
C THR D 196 -8.98 -38.56 21.46
N GLY D 197 -9.90 -37.94 20.73
CA GLY D 197 -11.21 -37.57 21.27
C GLY D 197 -11.18 -36.38 22.21
N GLN D 198 -10.07 -35.62 22.20
CA GLN D 198 -9.95 -34.39 23.00
C GLN D 198 -10.30 -33.18 22.16
N SER D 199 -10.43 -32.07 22.89
CA SER D 199 -10.80 -30.80 22.30
C SER D 199 -9.62 -29.86 22.37
N TRP D 200 -9.75 -28.81 21.56
CA TRP D 200 -8.95 -27.61 21.58
C TRP D 200 -8.64 -27.26 23.06
N PRO D 201 -7.35 -27.29 23.44
CA PRO D 201 -7.00 -27.15 24.86
C PRO D 201 -7.03 -25.70 25.34
N GLU D 202 -6.96 -25.54 26.65
CA GLU D 202 -7.14 -24.23 27.27
C GLU D 202 -5.92 -23.34 27.03
N SER D 203 -4.74 -23.96 27.08
CA SER D 203 -3.48 -23.30 26.69
C SER D 203 -3.55 -22.55 25.33
N LEU D 204 -4.27 -23.14 24.38
CA LEU D 204 -4.47 -22.52 23.05
C LEU D 204 -5.57 -21.47 23.03
N ILE D 205 -6.49 -21.53 23.98
CA ILE D 205 -7.40 -20.41 24.17
C ILE D 205 -6.63 -19.22 24.78
N ARG D 206 -5.81 -19.49 25.80
CA ARG D 206 -4.96 -18.45 26.42
C ARG D 206 -4.01 -17.82 25.41
N LYS D 207 -3.50 -18.60 24.44
CA LYS D 207 -2.46 -18.07 23.49
C LYS D 207 -3.05 -17.40 22.25
N THR D 208 -4.17 -17.86 21.71
CA THR D 208 -4.79 -17.28 20.48
C THR D 208 -6.06 -16.43 20.67
N GLY D 209 -6.74 -16.64 21.80
CA GLY D 209 -8.04 -16.06 22.07
C GLY D 209 -9.21 -16.70 21.33
N TYR D 210 -8.97 -17.76 20.55
CA TYR D 210 -10.03 -18.47 19.86
C TYR D 210 -10.54 -19.53 20.79
N THR D 211 -11.81 -19.38 21.17
CA THR D 211 -12.52 -20.40 21.90
C THR D 211 -13.02 -21.42 20.89
N LEU D 212 -13.53 -22.53 21.42
CA LEU D 212 -14.02 -23.60 20.55
C LEU D 212 -15.21 -23.12 19.69
N GLU D 213 -15.98 -22.17 20.24
CA GLU D 213 -17.14 -21.58 19.55
C GLU D 213 -16.80 -20.56 18.43
N SER D 214 -15.72 -19.79 18.56
CA SER D 214 -15.26 -18.91 17.45
C SER D 214 -14.76 -19.72 16.24
N LEU D 215 -14.16 -20.86 16.52
CA LEU D 215 -13.76 -21.81 15.47
C LEU D 215 -14.95 -22.46 14.74
N LYS D 216 -16.12 -22.53 15.38
CA LYS D 216 -17.29 -23.26 14.83
C LYS D 216 -17.59 -23.12 13.34
N PRO D 217 -17.76 -21.88 12.83
CA PRO D 217 -18.11 -21.75 11.41
C PRO D 217 -17.14 -22.53 10.50
N CYS D 218 -15.86 -22.23 10.61
CA CYS D 218 -14.86 -22.91 9.82
C CYS D 218 -14.86 -24.42 10.05
N LEU D 219 -14.96 -24.78 11.32
CA LEU D 219 -14.95 -26.17 11.74
C LEU D 219 -16.09 -26.96 11.11
N MET D 220 -17.25 -26.33 10.94
CA MET D 220 -18.40 -26.94 10.24
C MET D 220 -18.04 -27.29 8.80
N ASP D 221 -17.32 -26.40 8.11
CA ASP D 221 -16.97 -26.61 6.69
C ASP D 221 -15.93 -27.70 6.51
N LEU D 222 -14.87 -27.60 7.32
CA LEU D 222 -13.77 -28.59 7.33
C LEU D 222 -14.25 -30.01 7.64
N HIS D 223 -15.22 -30.10 8.53
CA HIS D 223 -15.89 -31.35 8.87
C HIS D 223 -16.45 -31.95 7.58
N GLN D 224 -17.16 -31.14 6.80
CA GLN D 224 -17.78 -31.58 5.54
C GLN D 224 -16.80 -31.89 4.40
N THR D 225 -15.78 -31.05 4.19
CA THR D 225 -14.71 -31.35 3.23
C THR D 225 -14.07 -32.72 3.51
N TYR D 226 -13.81 -32.98 4.79
CA TYR D 226 -13.24 -34.26 5.28
C TYR D 226 -14.18 -35.46 5.07
N LEU D 227 -15.46 -35.30 5.41
CA LEU D 227 -16.47 -36.36 5.20
C LEU D 227 -16.70 -36.66 3.70
N LYS D 228 -16.66 -35.61 2.87
CA LYS D 228 -16.86 -35.69 1.39
C LYS D 228 -15.53 -35.87 0.59
N ALA D 229 -14.41 -36.16 1.27
CA ALA D 229 -13.07 -36.14 0.66
C ALA D 229 -12.81 -37.27 -0.33
N PRO D 230 -13.35 -38.46 -0.08
CA PRO D 230 -13.29 -39.53 -1.08
C PRO D 230 -13.84 -39.25 -2.49
N GLN D 231 -14.97 -38.57 -2.63
CA GLN D 231 -15.59 -38.29 -3.98
C GLN D 231 -15.15 -36.98 -4.63
N HIS D 232 -14.51 -36.10 -3.85
CA HIS D 232 -13.97 -34.82 -4.33
C HIS D 232 -13.11 -35.08 -5.57
N ALA D 233 -13.29 -34.28 -6.62
CA ALA D 233 -12.65 -34.52 -7.93
C ALA D 233 -11.12 -34.59 -7.88
N GLN D 234 -10.52 -33.74 -7.06
CA GLN D 234 -9.07 -33.68 -6.89
C GLN D 234 -8.70 -34.61 -5.72
N GLN D 235 -7.74 -35.50 -5.97
CA GLN D 235 -7.46 -36.61 -5.07
C GLN D 235 -5.99 -36.76 -4.66
N SER D 236 -5.14 -35.80 -5.02
CA SER D 236 -3.68 -35.93 -4.81
C SER D 236 -3.30 -35.79 -3.37
N ILE D 237 -4.04 -34.94 -2.65
CA ILE D 237 -3.80 -34.79 -1.24
C ILE D 237 -4.17 -36.06 -0.51
N ARG D 238 -5.31 -36.67 -0.85
CA ARG D 238 -5.65 -37.96 -0.24
C ARG D 238 -4.56 -39.02 -0.44
N GLU D 239 -4.07 -39.15 -1.68
CA GLU D 239 -3.04 -40.12 -2.04
C GLU D 239 -1.76 -39.90 -1.21
N LYS D 240 -1.31 -38.64 -1.20
CA LYS D 240 -0.17 -38.19 -0.38
C LYS D 240 -0.16 -38.72 1.05
N TYR D 241 -1.30 -38.57 1.73
CA TYR D 241 -1.41 -38.87 3.16
C TYR D 241 -1.88 -40.31 3.48
N LYS D 242 -1.86 -41.21 2.49
CA LYS D 242 -1.95 -42.64 2.73
C LYS D 242 -0.60 -43.17 3.15
N ASN D 243 0.45 -42.46 2.75
CA ASN D 243 1.81 -43.01 2.78
C ASN D 243 2.38 -43.12 4.23
N SER D 244 3.28 -44.08 4.42
CA SER D 244 3.98 -44.31 5.71
C SER D 244 4.47 -43.03 6.41
N LYS D 245 5.05 -42.10 5.63
CA LYS D 245 5.57 -40.84 6.16
C LYS D 245 4.56 -40.18 7.09
N TYR D 246 3.36 -39.99 6.55
CA TYR D 246 2.23 -39.33 7.24
C TYR D 246 1.28 -40.33 7.91
N HIS D 247 1.78 -41.53 8.22
CA HIS D 247 1.06 -42.50 9.02
C HIS D 247 -0.34 -42.86 8.56
N GLY D 248 -0.61 -42.69 7.26
CA GLY D 248 -1.86 -43.16 6.64
C GLY D 248 -3.15 -42.62 7.20
N VAL D 249 -3.13 -41.37 7.61
CA VAL D 249 -4.26 -40.76 8.29
C VAL D 249 -5.38 -40.35 7.32
N SER D 250 -5.06 -40.18 6.03
CA SER D 250 -6.10 -39.95 5.03
C SER D 250 -7.08 -41.14 5.06
N LEU D 251 -6.57 -42.34 5.29
CA LEU D 251 -7.36 -43.55 5.47
C LEU D 251 -8.28 -43.51 6.71
N LEU D 252 -7.77 -43.04 7.85
CA LEU D 252 -8.56 -42.94 9.10
C LEU D 252 -9.99 -42.43 8.84
N ASN D 253 -10.98 -43.18 9.31
CA ASN D 253 -12.40 -42.86 9.05
C ASN D 253 -12.86 -41.64 9.88
N PRO D 254 -13.44 -40.60 9.23
CA PRO D 254 -13.80 -39.36 9.96
C PRO D 254 -14.92 -39.56 11.01
N PRO D 255 -15.07 -38.61 11.95
CA PRO D 255 -15.99 -38.75 13.08
C PRO D 255 -17.44 -38.34 12.77
N GLU D 256 -18.29 -38.50 13.78
CA GLU D 256 -19.75 -38.45 13.70
C GLU D 256 -20.29 -37.00 13.54
N THR D 257 -19.98 -36.10 14.49
CA THR D 257 -20.14 -34.57 14.38
C THR D 257 -18.95 -33.84 15.10
C5 72L E . -11.41 2.10 -20.26
C6 72L E . -14.36 -0.41 -26.10
C11 72L E . -14.44 -1.33 -27.13
C7 72L E . -15.19 0.73 -26.14
C8 72L E . -16.04 0.93 -27.20
C9 72L E . -16.11 0.00 -28.20
C10 72L E . -15.30 -1.12 -28.18
N1 72L E . -13.14 1.63 -24.37
N2 72L E . -12.51 -0.02 -22.86
N3 72L E . -11.63 0.86 -20.76
CB 72L E . -12.79 2.65 -23.53
C2 72L E . -13.01 0.32 -24.06
C 72L E . -12.14 0.94 -21.96
CA 72L E . -12.28 2.29 -22.28
N 72L E . -11.79 3.05 -21.11
N5 72L E . -13.42 -0.67 -25.01
S1 72L E . -17.21 0.33 -29.48
OH 72L E . -18.47 0.69 -28.96
N6 72L E . -16.43 1.66 -30.12
O2 72L E . -17.37 -0.74 -30.40
CG 72L E . -13.00 4.07 -23.96
CD1 72L E . -12.74 5.20 -23.15
CE1 72L E . -13.01 6.48 -23.64
C15 72L E . -13.53 6.66 -24.90
CE2 72L E . -13.78 5.55 -25.68
CD2 72L E . -13.53 4.27 -25.24
C18 72L E . -14.33 5.69 -27.02
C19 72L E . -15.59 5.24 -27.21
C20 72L E . -16.12 5.36 -28.45
C21 72L E . -15.38 5.92 -29.47
C22 72L E . -14.10 6.37 -29.26
C23 72L E . -13.57 6.25 -28.01
C5 72L F . 22.95 -1.07 1.74
C6 72L F . 29.35 1.83 2.02
C11 72L F . 29.81 0.72 2.74
C7 72L F . 30.28 2.72 1.46
C8 72L F . 31.65 2.49 1.63
C9 72L F . 32.09 1.37 2.35
C10 72L F . 31.17 0.50 2.90
N1 72L F . 27.36 -0.26 1.44
N2 72L F . 25.65 1.25 1.94
N3 72L F . 23.42 0.19 1.95
CB 72L F . 26.54 -1.34 1.31
C2 72L F . 26.96 0.99 1.75
C 72L F . 24.76 0.23 1.82
CA 72L F . 25.18 -1.07 1.50
N 72L F . 23.98 -1.91 1.47
N5 72L F . 27.93 2.06 1.87
S1 72L F . 33.78 0.98 2.61
OH 72L F . 34.05 0.80 4.01
N6 72L F . 34.11 -0.53 1.90
O2 72L F . 34.64 1.98 2.05
CG 72L F . 27.12 -2.70 0.99
CD1 72L F . 26.34 -3.84 0.74
CE1 72L F . 26.94 -5.06 0.45
C15 72L F . 28.32 -5.18 0.42
CE2 72L F . 29.13 -4.06 0.68
CD2 72L F . 28.53 -2.84 0.96
C18 72L F . 30.61 -4.21 0.59
C19 72L F . 31.26 -5.37 1.05
C20 72L F . 32.64 -5.53 0.93
C21 72L F . 33.42 -4.54 0.35
C22 72L F . 32.80 -3.37 -0.12
C23 72L F . 31.40 -3.22 -0.01
#